data_4KBF
#
_entry.id   4KBF
#
_cell.length_a   119.645
_cell.length_b   119.645
_cell.length_c   107.095
_cell.angle_alpha   90.00
_cell.angle_beta   90.00
_cell.angle_gamma   90.00
#
_symmetry.space_group_name_H-M   'P 43 21 2'
#
loop_
_entity.id
_entity.type
_entity.pdbx_description
1 polymer 'Heat resistant RNA dependent ATPase'
2 non-polymer 'ADENOSINE MONOPHOSPHATE'
3 non-polymer 'SODIUM ION'
4 non-polymer 'SULFATE ION'
5 water water
#
_entity_poly.entity_id   1
_entity_poly.type   'polypeptide(L)'
_entity_poly.pdbx_seq_one_letter_code
;MEFKDFPLKPEILEALHGRGLTTPTPIQAAALPLALEGKDLIGQARTGTGKTLAFALPIAERLAPSQERGRKPRALVLTP
TRELALQVASELTAVAPHLKVVAVYGGTGYGKQKEALLRGADAVVATPGRALDYLRQGVLDLSRVEVAVLDEADEMLSMG
FEEEVEALLSATPPSRQTLLFSATLPSWAKRLAERYMKNPVLINVIKDEPVTYEEEAVPAPVRGRLEVLSDLLYVASPDR
AMVFTRTKAETEEIAQGLLRLGHPAQALHGDLSQGERERVLGAFRQGEVRVLVATDVAARGLDIPQVDLVVHYRLPDRAE
AYQHRSGRTGRAGRGGRVVLLYGPRERRDVEALERAVGRRFKRVN
;
_entity_poly.pdbx_strand_id   A,B
#
loop_
_chem_comp.id
_chem_comp.type
_chem_comp.name
_chem_comp.formula
AMP non-polymer 'ADENOSINE MONOPHOSPHATE' 'C10 H14 N5 O7 P'
NA non-polymer 'SODIUM ION' 'Na 1'
SO4 non-polymer 'SULFATE ION' 'O4 S -2'
#
# COMPACT_ATOMS: atom_id res chain seq x y z
N MET A 1 18.06 17.82 3.45
CA MET A 1 19.39 17.47 2.95
C MET A 1 19.45 17.67 1.44
N GLU A 2 20.50 18.31 0.96
CA GLU A 2 20.75 18.36 -0.49
C GLU A 2 21.36 17.04 -0.98
N PHE A 3 21.35 16.79 -2.28
CA PHE A 3 22.00 15.60 -2.84
C PHE A 3 23.48 15.47 -2.41
N LYS A 4 24.15 16.61 -2.31
CA LYS A 4 25.57 16.59 -1.94
C LYS A 4 25.74 16.10 -0.50
N ASP A 5 24.67 16.16 0.28
CA ASP A 5 24.72 15.75 1.69
C ASP A 5 24.56 14.23 1.85
N PHE A 6 24.08 13.57 0.81
CA PHE A 6 23.97 12.11 0.80
C PHE A 6 25.31 11.47 0.42
N PRO A 7 25.52 10.20 0.79
CA PRO A 7 26.80 9.57 0.44
C PRO A 7 26.77 9.08 -1.00
N LEU A 8 27.20 9.95 -1.91
CA LEU A 8 27.18 9.65 -3.33
C LEU A 8 28.58 9.86 -3.91
N LYS A 9 28.94 9.02 -4.87
CA LYS A 9 30.25 9.11 -5.52
C LYS A 9 30.45 10.47 -6.21
N PRO A 10 31.70 10.95 -6.28
CA PRO A 10 31.95 12.27 -6.88
C PRO A 10 31.36 12.45 -8.28
N GLU A 11 31.46 11.44 -9.15
CA GLU A 11 30.93 11.57 -10.52
C GLU A 11 29.42 11.65 -10.55
N ILE A 12 28.77 10.97 -9.62
CA ILE A 12 27.32 10.96 -9.58
C ILE A 12 26.83 12.34 -9.14
N LEU A 13 27.48 12.90 -8.14
CA LEU A 13 27.11 14.22 -7.66
C LEU A 13 27.33 15.25 -8.74
N GLU A 14 28.45 15.11 -9.43
CA GLU A 14 28.80 16.06 -10.49
C GLU A 14 27.80 15.98 -11.65
N ALA A 15 27.31 14.78 -11.91
CA ALA A 15 26.30 14.57 -12.95
C ALA A 15 24.99 15.26 -12.56
N LEU A 16 24.55 15.05 -11.32
CA LEU A 16 23.38 15.74 -10.79
C LEU A 16 23.49 17.26 -10.89
N HIS A 17 24.61 17.80 -10.44
CA HIS A 17 24.75 19.24 -10.40
C HIS A 17 24.83 19.85 -11.80
N GLY A 18 25.40 19.12 -12.74
CA GLY A 18 25.45 19.58 -14.11
C GLY A 18 24.06 19.77 -14.71
N ARG A 19 23.12 18.97 -14.21
CA ARG A 19 21.74 19.04 -14.67
C ARG A 19 20.92 19.97 -13.77
N GLY A 20 21.60 20.66 -12.87
CA GLY A 20 20.95 21.63 -12.00
C GLY A 20 20.08 20.98 -10.92
N LEU A 21 20.34 19.71 -10.65
CA LEU A 21 19.60 18.97 -9.62
C LEU A 21 20.33 19.04 -8.28
N THR A 22 19.72 19.67 -7.28
CA THR A 22 20.38 19.89 -6.00
C THR A 22 19.61 19.35 -4.80
N THR A 23 18.29 19.25 -4.94
CA THR A 23 17.43 18.98 -3.80
C THR A 23 16.46 17.82 -4.08
N PRO A 24 16.51 16.78 -3.24
CA PRO A 24 15.61 15.64 -3.41
C PRO A 24 14.13 16.03 -3.29
N THR A 25 13.30 15.36 -4.08
CA THR A 25 11.85 15.44 -3.91
C THR A 25 11.49 14.60 -2.69
N PRO A 26 10.24 14.68 -2.21
CA PRO A 26 9.91 13.90 -1.00
C PRO A 26 10.15 12.41 -1.14
N ILE A 27 9.75 11.79 -2.25
CA ILE A 27 9.99 10.35 -2.36
C ILE A 27 11.48 10.02 -2.40
N GLN A 28 12.28 10.91 -3.01
CA GLN A 28 13.74 10.71 -3.02
C GLN A 28 14.30 10.84 -1.60
N ALA A 29 13.87 11.87 -0.87
CA ALA A 29 14.42 12.12 0.46
C ALA A 29 14.09 11.00 1.44
N ALA A 30 12.90 10.43 1.30
CA ALA A 30 12.50 9.33 2.18
C ALA A 30 13.10 7.99 1.77
N ALA A 31 13.25 7.77 0.47
CA ALA A 31 13.68 6.46 -0.03
C ALA A 31 15.19 6.28 -0.03
N LEU A 32 15.93 7.34 -0.33
CA LEU A 32 17.39 7.23 -0.48
C LEU A 32 18.11 6.58 0.70
N PRO A 33 17.73 6.93 1.95
CA PRO A 33 18.54 6.30 3.01
C PRO A 33 18.40 4.78 3.04
N LEU A 34 17.20 4.29 2.76
CA LEU A 34 16.97 2.85 2.75
C LEU A 34 17.56 2.23 1.49
N ALA A 35 17.33 2.88 0.36
CA ALA A 35 17.71 2.32 -0.93
C ALA A 35 19.22 2.28 -1.11
N LEU A 36 19.89 3.32 -0.60
CA LEU A 36 21.35 3.37 -0.71
C LEU A 36 22.03 2.26 0.07
N GLU A 37 21.33 1.73 1.07
CA GLU A 37 21.82 0.61 1.87
C GLU A 37 21.33 -0.75 1.39
N GLY A 38 20.65 -0.78 0.25
CA GLY A 38 20.33 -2.04 -0.38
C GLY A 38 19.06 -2.67 0.15
N LYS A 39 18.28 -1.91 0.92
CA LYS A 39 17.02 -2.40 1.50
C LYS A 39 15.84 -2.33 0.52
N ASP A 40 14.82 -3.16 0.73
CA ASP A 40 13.65 -3.19 -0.16
C ASP A 40 12.65 -2.12 0.25
N LEU A 41 11.95 -1.57 -0.73
CA LEU A 41 10.89 -0.62 -0.40
C LEU A 41 9.79 -0.62 -1.44
N ILE A 42 8.61 -0.19 -1.01
CA ILE A 42 7.49 0.09 -1.90
C ILE A 42 7.32 1.59 -1.92
N GLY A 43 7.38 2.19 -3.10
CA GLY A 43 7.20 3.62 -3.24
C GLY A 43 5.83 3.86 -3.85
N GLN A 44 4.88 4.28 -3.03
CA GLN A 44 3.55 4.54 -3.54
C GLN A 44 3.46 6.00 -3.98
N ALA A 45 3.52 6.20 -5.30
CA ALA A 45 3.62 7.53 -5.87
C ALA A 45 2.91 7.55 -7.22
N ARG A 46 2.56 8.74 -7.67
CA ARG A 46 1.92 8.91 -8.97
C ARG A 46 2.83 9.60 -9.98
N THR A 47 2.48 10.82 -10.38
CA THR A 47 3.23 11.53 -11.42
C THR A 47 4.05 12.70 -10.90
N GLY A 48 5.21 12.91 -11.50
CA GLY A 48 6.01 14.09 -11.22
C GLY A 48 6.57 14.09 -9.82
N THR A 49 6.71 12.90 -9.23
CA THR A 49 7.22 12.81 -7.87
C THR A 49 8.73 12.65 -7.84
N GLY A 50 9.31 12.34 -9.00
CA GLY A 50 10.72 12.04 -9.12
C GLY A 50 11.08 10.62 -8.71
N LYS A 51 10.19 9.68 -8.96
CA LYS A 51 10.47 8.31 -8.53
C LYS A 51 11.57 7.66 -9.35
N THR A 52 11.73 8.10 -10.60
CA THR A 52 12.80 7.53 -11.43
C THR A 52 14.19 7.72 -10.80
N LEU A 53 14.49 8.94 -10.37
CA LEU A 53 15.77 9.21 -9.73
C LEU A 53 15.86 8.48 -8.37
N ALA A 54 14.72 8.24 -7.74
CA ALA A 54 14.71 7.53 -6.46
C ALA A 54 15.23 6.10 -6.60
N PHE A 55 15.10 5.49 -7.77
CA PHE A 55 15.78 4.20 -7.98
C PHE A 55 17.04 4.29 -8.86
N ALA A 56 17.14 5.31 -9.72
CA ALA A 56 18.32 5.41 -10.56
C ALA A 56 19.57 5.74 -9.74
N LEU A 57 19.41 6.57 -8.72
CA LEU A 57 20.56 6.94 -7.89
C LEU A 57 21.16 5.75 -7.11
N PRO A 58 20.31 4.94 -6.46
CA PRO A 58 20.84 3.74 -5.79
C PRO A 58 21.51 2.77 -6.74
N ILE A 59 20.95 2.59 -7.93
CA ILE A 59 21.60 1.73 -8.92
C ILE A 59 22.99 2.28 -9.26
N ALA A 60 23.05 3.59 -9.51
CA ALA A 60 24.30 4.26 -9.83
C ALA A 60 25.33 4.12 -8.72
N GLU A 61 24.89 4.31 -7.48
CA GLU A 61 25.82 4.28 -6.36
C GLU A 61 26.25 2.85 -6.00
N ARG A 62 25.34 1.89 -6.13
CA ARG A 62 25.65 0.53 -5.70
C ARG A 62 26.48 -0.28 -6.70
N LEU A 63 26.42 0.07 -7.98
CA LEU A 63 27.15 -0.67 -9.00
C LEU A 63 28.46 -0.01 -9.41
N ALA A 64 29.58 -0.70 -9.21
CA ALA A 64 30.88 -0.21 -9.67
C ALA A 64 31.02 -0.43 -11.17
N PRO A 65 31.84 0.40 -11.84
CA PRO A 65 32.05 0.25 -13.29
C PRO A 65 32.66 -1.10 -13.63
N SER A 66 32.41 -1.56 -14.84
CA SER A 66 33.07 -2.74 -15.36
C SER A 66 33.21 -2.57 -16.86
N GLN A 67 34.34 -3.04 -17.40
CA GLN A 67 34.58 -2.98 -18.83
C GLN A 67 34.61 -4.39 -19.42
N GLU A 68 34.19 -5.37 -18.62
CA GLU A 68 34.20 -6.77 -19.06
C GLU A 68 33.29 -7.01 -20.25
N ARG A 69 33.88 -7.58 -21.30
CA ARG A 69 33.19 -7.89 -22.53
C ARG A 69 32.17 -9.02 -22.32
N GLY A 70 30.94 -8.80 -22.79
CA GLY A 70 29.89 -9.79 -22.65
C GLY A 70 29.28 -9.91 -21.25
N ARG A 71 29.56 -8.94 -20.39
CA ARG A 71 29.13 -9.00 -19.00
C ARG A 71 27.61 -8.98 -18.86
N LYS A 72 27.11 -9.70 -17.84
CA LYS A 72 25.69 -9.77 -17.55
C LYS A 72 25.27 -8.58 -16.71
N PRO A 73 24.00 -8.16 -16.85
CA PRO A 73 23.52 -6.97 -16.14
C PRO A 73 23.41 -7.16 -14.64
N ARG A 74 23.65 -6.08 -13.90
CA ARG A 74 23.58 -6.15 -12.44
C ARG A 74 22.36 -5.39 -11.93
N ALA A 75 21.62 -4.80 -12.85
CA ALA A 75 20.38 -4.14 -12.47
C ALA A 75 19.33 -4.41 -13.55
N LEU A 76 18.11 -4.68 -13.11
CA LEU A 76 16.98 -4.87 -14.03
C LEU A 76 15.85 -3.95 -13.63
N VAL A 77 15.37 -3.15 -14.57
CA VAL A 77 14.22 -2.30 -14.33
C VAL A 77 13.11 -2.72 -15.27
N LEU A 78 11.93 -3.05 -14.73
CA LEU A 78 10.82 -3.46 -15.58
C LEU A 78 9.76 -2.37 -15.65
N THR A 79 9.32 -2.05 -16.87
CA THR A 79 8.32 -1.01 -17.09
C THR A 79 7.18 -1.56 -17.95
N PRO A 80 5.99 -0.97 -17.81
CA PRO A 80 4.82 -1.46 -18.54
C PRO A 80 4.84 -1.15 -20.03
N THR A 81 5.51 -0.08 -20.44
CA THR A 81 5.45 0.34 -21.84
C THR A 81 6.81 0.66 -22.40
N ARG A 82 6.90 0.63 -23.72
CA ARG A 82 8.09 1.05 -24.43
C ARG A 82 8.42 2.50 -24.13
N GLU A 83 7.40 3.35 -24.06
CA GLU A 83 7.63 4.78 -23.84
C GLU A 83 8.34 5.00 -22.51
N LEU A 84 7.86 4.33 -21.47
CA LEU A 84 8.44 4.51 -20.16
C LEU A 84 9.85 3.89 -20.08
N ALA A 85 10.05 2.75 -20.73
CA ALA A 85 11.38 2.11 -20.74
C ALA A 85 12.42 3.06 -21.34
N LEU A 86 12.03 3.77 -22.39
CA LEU A 86 12.95 4.70 -23.04
C LEU A 86 13.28 5.89 -22.15
N GLN A 87 12.27 6.41 -21.44
CA GLN A 87 12.46 7.57 -20.57
C GLN A 87 13.33 7.21 -19.38
N VAL A 88 13.08 6.04 -18.81
CA VAL A 88 13.85 5.58 -17.66
C VAL A 88 15.30 5.26 -18.05
N ALA A 89 15.47 4.63 -19.20
CA ALA A 89 16.81 4.29 -19.67
C ALA A 89 17.62 5.56 -19.88
N SER A 90 16.96 6.57 -20.45
CA SER A 90 17.58 7.87 -20.68
C SER A 90 17.99 8.54 -19.37
N GLU A 91 17.12 8.49 -18.38
CA GLU A 91 17.43 9.07 -17.08
C GLU A 91 18.57 8.31 -16.38
N LEU A 92 18.52 6.98 -16.42
CA LEU A 92 19.54 6.17 -15.76
C LEU A 92 20.91 6.38 -16.42
N THR A 93 20.90 6.54 -17.74
CA THR A 93 22.14 6.84 -18.46
C THR A 93 22.79 8.13 -17.98
N ALA A 94 21.96 9.13 -17.63
CA ALA A 94 22.49 10.44 -17.25
C ALA A 94 22.91 10.50 -15.78
N VAL A 95 22.29 9.66 -14.96
CA VAL A 95 22.56 9.58 -13.53
C VAL A 95 23.81 8.75 -13.25
N ALA A 96 24.04 7.77 -14.12
CA ALA A 96 25.11 6.81 -13.95
C ALA A 96 25.95 6.70 -15.22
N PRO A 97 26.83 7.70 -15.46
CA PRO A 97 27.62 7.70 -16.69
C PRO A 97 28.61 6.55 -16.76
N HIS A 98 28.82 5.85 -15.65
CA HIS A 98 29.77 4.74 -15.62
C HIS A 98 29.13 3.39 -16.01
N LEU A 99 27.81 3.38 -16.16
CA LEU A 99 27.10 2.15 -16.48
C LEU A 99 26.61 2.13 -17.92
N LYS A 100 26.72 0.97 -18.56
CA LYS A 100 26.08 0.73 -19.84
C LYS A 100 24.62 0.30 -19.64
N VAL A 101 23.70 1.17 -20.06
CA VAL A 101 22.28 0.92 -19.92
C VAL A 101 21.71 0.46 -21.26
N VAL A 102 20.95 -0.64 -21.25
CA VAL A 102 20.35 -1.15 -22.48
C VAL A 102 18.83 -1.18 -22.35
N ALA A 103 18.13 -0.46 -23.24
CA ALA A 103 16.68 -0.51 -23.27
C ALA A 103 16.20 -1.70 -24.10
N VAL A 104 15.20 -2.41 -23.59
CA VAL A 104 14.70 -3.62 -24.21
C VAL A 104 13.18 -3.55 -24.34
N TYR A 105 12.66 -3.68 -25.56
CA TYR A 105 11.22 -3.52 -25.78
C TYR A 105 10.81 -4.08 -27.13
N GLY A 106 9.52 -4.34 -27.29
CA GLY A 106 9.01 -4.92 -28.51
C GLY A 106 8.53 -3.87 -29.49
N GLY A 107 7.82 -4.31 -30.53
CA GLY A 107 7.31 -3.41 -31.54
C GLY A 107 8.35 -3.17 -32.63
N THR A 108 9.55 -3.66 -32.40
CA THR A 108 10.62 -3.54 -33.38
C THR A 108 11.33 -4.88 -33.54
N GLY A 109 12.48 -4.87 -34.21
CA GLY A 109 13.22 -6.11 -34.42
C GLY A 109 13.90 -6.62 -33.16
N TYR A 110 14.41 -7.84 -33.23
CA TYR A 110 15.12 -8.46 -32.11
C TYR A 110 16.62 -8.21 -32.22
N GLY A 111 17.08 -7.92 -33.42
CA GLY A 111 18.49 -7.89 -33.73
C GLY A 111 19.35 -6.92 -32.96
N LYS A 112 18.97 -5.64 -32.95
CA LYS A 112 19.80 -4.63 -32.30
C LYS A 112 19.87 -4.77 -30.79
N GLN A 113 18.75 -5.10 -30.17
CA GLN A 113 18.75 -5.29 -28.72
C GLN A 113 19.54 -6.55 -28.34
N LYS A 114 19.44 -7.58 -29.18
CA LYS A 114 20.20 -8.81 -28.92
C LYS A 114 21.71 -8.55 -28.94
N GLU A 115 22.16 -7.84 -29.98
CA GLU A 115 23.58 -7.51 -30.13
C GLU A 115 24.08 -6.70 -28.94
N ALA A 116 23.27 -5.74 -28.49
CA ALA A 116 23.64 -4.90 -27.36
C ALA A 116 23.80 -5.69 -26.07
N LEU A 117 22.91 -6.65 -25.85
CA LEU A 117 22.98 -7.49 -24.65
C LEU A 117 24.22 -8.37 -24.70
N LEU A 118 24.45 -8.97 -25.85
CA LEU A 118 25.61 -9.84 -26.06
C LEU A 118 26.94 -9.09 -25.91
N ARG A 119 26.97 -7.81 -26.29
CA ARG A 119 28.17 -6.99 -26.13
C ARG A 119 28.55 -6.81 -24.65
N GLY A 120 27.53 -6.76 -23.80
CA GLY A 120 27.76 -6.55 -22.38
C GLY A 120 26.91 -5.39 -21.89
N ALA A 121 26.26 -5.56 -20.74
CA ALA A 121 25.42 -4.52 -20.16
C ALA A 121 25.53 -4.49 -18.64
N ASP A 122 25.36 -3.30 -18.06
CA ASP A 122 25.28 -3.18 -16.60
C ASP A 122 23.84 -3.09 -16.11
N ALA A 123 23.00 -2.42 -16.90
CA ALA A 123 21.60 -2.28 -16.51
C ALA A 123 20.71 -2.50 -17.69
N VAL A 124 19.59 -3.18 -17.46
CA VAL A 124 18.62 -3.40 -18.52
C VAL A 124 17.30 -2.78 -18.09
N VAL A 125 16.73 -1.92 -18.93
CA VAL A 125 15.40 -1.37 -18.70
C VAL A 125 14.51 -1.99 -19.77
N ALA A 126 13.49 -2.74 -19.36
CA ALA A 126 12.75 -3.59 -20.29
C ALA A 126 11.26 -3.66 -20.03
N THR A 127 10.49 -3.89 -21.09
CA THR A 127 9.12 -4.35 -20.94
C THR A 127 9.24 -5.85 -20.69
N PRO A 128 8.31 -6.41 -19.90
CA PRO A 128 8.49 -7.79 -19.40
C PRO A 128 8.40 -8.85 -20.48
N GLY A 129 7.55 -8.65 -21.48
CA GLY A 129 7.39 -9.64 -22.53
C GLY A 129 8.68 -9.85 -23.31
N ARG A 130 9.29 -8.77 -23.77
CA ARG A 130 10.51 -8.88 -24.55
C ARG A 130 11.70 -9.36 -23.69
N ALA A 131 11.75 -8.91 -22.43
CA ALA A 131 12.78 -9.39 -21.51
C ALA A 131 12.68 -10.91 -21.36
N LEU A 132 11.45 -11.41 -21.21
CA LEU A 132 11.26 -12.85 -21.05
C LEU A 132 11.69 -13.62 -22.32
N ASP A 133 11.37 -13.08 -23.50
CA ASP A 133 11.84 -13.69 -24.74
C ASP A 133 13.36 -13.88 -24.77
N TYR A 134 14.09 -12.82 -24.41
CA TYR A 134 15.55 -12.86 -24.41
C TYR A 134 16.07 -13.77 -23.31
N LEU A 135 15.36 -13.84 -22.19
CA LEU A 135 15.74 -14.77 -21.12
C LEU A 135 15.65 -16.22 -21.60
N ARG A 136 14.53 -16.59 -22.21
CA ARG A 136 14.35 -17.95 -22.69
C ARG A 136 15.28 -18.27 -23.85
N GLN A 137 15.66 -17.25 -24.64
CA GLN A 137 16.62 -17.43 -25.71
C GLN A 137 18.02 -17.71 -25.19
N GLY A 138 18.29 -17.29 -23.96
CA GLY A 138 19.63 -17.41 -23.41
C GLY A 138 20.47 -16.18 -23.69
N VAL A 139 19.85 -15.13 -24.21
CA VAL A 139 20.54 -13.89 -24.53
C VAL A 139 20.62 -12.99 -23.30
N LEU A 140 19.53 -12.89 -22.56
CA LEU A 140 19.53 -12.08 -21.34
C LEU A 140 19.77 -12.97 -20.13
N ASP A 141 20.81 -12.70 -19.35
CA ASP A 141 21.16 -13.53 -18.20
C ASP A 141 20.96 -12.68 -16.96
N LEU A 142 20.14 -13.15 -16.02
CA LEU A 142 19.77 -12.33 -14.87
C LEU A 142 20.38 -12.86 -13.58
N SER A 143 21.27 -13.84 -13.69
CA SER A 143 21.85 -14.47 -12.50
C SER A 143 22.78 -13.55 -11.69
N ARG A 144 23.15 -12.38 -12.23
CA ARG A 144 24.06 -11.46 -11.53
C ARG A 144 23.34 -10.19 -11.09
N VAL A 145 22.02 -10.17 -11.23
CA VAL A 145 21.26 -8.98 -10.87
C VAL A 145 21.30 -8.72 -9.38
N GLU A 146 21.67 -7.49 -9.00
CA GLU A 146 21.77 -7.07 -7.61
C GLU A 146 20.61 -6.17 -7.20
N VAL A 147 20.02 -5.51 -8.20
CA VAL A 147 18.89 -4.61 -7.98
C VAL A 147 17.83 -4.85 -9.05
N ALA A 148 16.60 -5.10 -8.62
CA ALA A 148 15.47 -5.25 -9.51
C ALA A 148 14.44 -4.17 -9.15
N VAL A 149 13.94 -3.49 -10.16
CA VAL A 149 12.99 -2.41 -9.94
C VAL A 149 11.74 -2.72 -10.72
N LEU A 150 10.59 -2.63 -10.05
CA LEU A 150 9.31 -2.75 -10.73
C LEU A 150 8.69 -1.38 -10.79
N ASP A 151 8.70 -0.77 -11.96
CA ASP A 151 8.26 0.61 -12.09
C ASP A 151 6.84 0.65 -12.64
N GLU A 152 5.89 1.05 -11.79
CA GLU A 152 4.44 1.01 -12.07
C GLU A 152 3.90 -0.41 -12.08
N ALA A 153 4.01 -1.08 -10.94
CA ALA A 153 3.63 -2.49 -10.84
C ALA A 153 2.16 -2.70 -11.19
N ASP A 154 1.31 -1.79 -10.76
CA ASP A 154 -0.10 -1.93 -11.04
C ASP A 154 -0.42 -1.85 -12.54
N GLU A 155 0.42 -1.15 -13.31
CA GLU A 155 0.17 -1.03 -14.75
C GLU A 155 0.67 -2.26 -15.51
N MET A 156 1.77 -2.85 -15.03
CA MET A 156 2.26 -4.09 -15.63
C MET A 156 1.17 -5.15 -15.48
N LEU A 157 0.54 -5.17 -14.31
CA LEU A 157 -0.61 -6.03 -14.07
C LEU A 157 -1.72 -5.76 -15.09
N SER A 158 -1.94 -4.49 -15.42
CA SER A 158 -2.98 -4.10 -16.38
C SER A 158 -2.66 -4.44 -17.83
N MET A 159 -1.38 -4.51 -18.16
CA MET A 159 -0.91 -4.88 -19.50
C MET A 159 -0.83 -6.40 -19.69
N GLY A 160 -1.22 -7.16 -18.68
CA GLY A 160 -1.16 -8.61 -18.76
C GLY A 160 0.20 -9.25 -18.54
N PHE A 161 1.11 -8.54 -17.86
CA PHE A 161 2.48 -9.03 -17.67
C PHE A 161 2.76 -9.73 -16.35
N GLU A 162 1.73 -10.08 -15.59
CA GLU A 162 1.96 -10.58 -14.23
C GLU A 162 2.86 -11.82 -14.19
N GLU A 163 2.58 -12.79 -15.06
CA GLU A 163 3.35 -14.02 -15.05
C GLU A 163 4.78 -13.81 -15.60
N GLU A 164 4.91 -12.89 -16.55
CA GLU A 164 6.21 -12.54 -17.07
C GLU A 164 7.10 -11.89 -16.00
N VAL A 165 6.53 -10.95 -15.26
CA VAL A 165 7.27 -10.30 -14.16
C VAL A 165 7.74 -11.34 -13.12
N GLU A 166 6.85 -12.24 -12.72
CA GLU A 166 7.24 -13.26 -11.73
C GLU A 166 8.35 -14.17 -12.27
N ALA A 167 8.28 -14.53 -13.55
CA ALA A 167 9.32 -15.37 -14.14
C ALA A 167 10.68 -14.66 -14.14
N LEU A 168 10.68 -13.39 -14.49
CA LEU A 168 11.90 -12.60 -14.55
C LEU A 168 12.50 -12.42 -13.16
N LEU A 169 11.67 -12.10 -12.17
CA LEU A 169 12.18 -11.94 -10.81
C LEU A 169 12.76 -13.26 -10.28
N SER A 170 12.11 -14.37 -10.63
CA SER A 170 12.57 -15.69 -10.19
C SER A 170 13.91 -16.08 -10.80
N ALA A 171 14.24 -15.48 -11.94
CA ALA A 171 15.55 -15.71 -12.56
C ALA A 171 16.68 -14.89 -11.90
N THR A 172 16.34 -13.98 -10.99
CA THR A 172 17.40 -13.21 -10.30
C THR A 172 17.72 -13.85 -8.94
N PRO A 173 18.89 -13.55 -8.37
CA PRO A 173 19.24 -14.12 -7.06
C PRO A 173 18.33 -13.58 -5.98
N PRO A 174 18.05 -14.42 -4.96
CA PRO A 174 17.14 -14.03 -3.88
C PRO A 174 17.74 -13.00 -2.91
N SER A 175 19.03 -12.70 -3.04
CA SER A 175 19.64 -11.66 -2.21
C SER A 175 19.48 -10.28 -2.84
N ARG A 176 18.86 -10.22 -4.01
CA ARG A 176 18.66 -8.94 -4.70
C ARG A 176 17.95 -7.92 -3.80
N GLN A 177 18.21 -6.66 -4.09
CA GLN A 177 17.39 -5.56 -3.60
C GLN A 177 16.22 -5.45 -4.55
N THR A 178 15.00 -5.35 -4.02
CA THR A 178 13.84 -5.12 -4.87
C THR A 178 13.16 -3.80 -4.52
N LEU A 179 12.93 -2.96 -5.53
CA LEU A 179 12.24 -1.70 -5.32
C LEU A 179 10.97 -1.72 -6.15
N LEU A 180 9.83 -1.51 -5.51
CA LEU A 180 8.55 -1.58 -6.21
C LEU A 180 7.89 -0.21 -6.16
N PHE A 181 7.54 0.34 -7.32
CA PHE A 181 6.82 1.60 -7.35
C PHE A 181 5.46 1.42 -8.01
N SER A 182 4.42 1.99 -7.40
CA SER A 182 3.05 1.78 -7.89
C SER A 182 2.11 2.79 -7.25
N ALA A 183 1.14 3.30 -8.03
CA ALA A 183 0.17 4.24 -7.47
C ALA A 183 -0.78 3.52 -6.52
N THR A 184 -1.14 2.30 -6.89
CA THR A 184 -2.10 1.51 -6.12
C THR A 184 -1.45 0.18 -5.76
N LEU A 185 -2.00 -0.49 -4.77
CA LEU A 185 -1.45 -1.78 -4.37
C LEU A 185 -2.55 -2.83 -4.40
N PRO A 186 -2.85 -3.34 -5.60
CA PRO A 186 -3.84 -4.41 -5.72
C PRO A 186 -3.26 -5.71 -5.16
N SER A 187 -4.10 -6.73 -5.09
CA SER A 187 -3.72 -8.02 -4.53
C SER A 187 -2.40 -8.56 -5.07
N TRP A 188 -2.20 -8.45 -6.38
CA TRP A 188 -0.97 -8.98 -6.99
C TRP A 188 0.28 -8.27 -6.46
N ALA A 189 0.18 -6.96 -6.23
CA ALA A 189 1.30 -6.20 -5.68
C ALA A 189 1.63 -6.66 -4.27
N LYS A 190 0.60 -6.90 -3.47
CA LYS A 190 0.80 -7.39 -2.10
C LYS A 190 1.43 -8.79 -2.09
N ARG A 191 1.03 -9.65 -3.03
CA ARG A 191 1.70 -10.93 -3.21
C ARG A 191 3.18 -10.78 -3.54
N LEU A 192 3.52 -9.81 -4.38
CA LEU A 192 4.93 -9.56 -4.69
C LEU A 192 5.70 -9.12 -3.45
N ALA A 193 5.10 -8.23 -2.66
CA ALA A 193 5.79 -7.68 -1.49
C ALA A 193 6.08 -8.80 -0.51
N GLU A 194 5.14 -9.72 -0.41
CA GLU A 194 5.27 -10.88 0.46
C GLU A 194 6.25 -11.93 -0.08
N ARG A 195 6.10 -12.33 -1.34
CA ARG A 195 6.86 -13.49 -1.81
C ARG A 195 8.12 -13.16 -2.58
N TYR A 196 8.20 -11.94 -3.11
CA TYR A 196 9.33 -11.57 -3.97
C TYR A 196 10.16 -10.42 -3.41
N MET A 197 9.84 -9.98 -2.19
CA MET A 197 10.57 -8.86 -1.56
C MET A 197 10.84 -9.20 -0.10
N LYS A 198 11.73 -8.44 0.53
CA LYS A 198 12.11 -8.73 1.92
C LYS A 198 11.65 -7.66 2.90
N ASN A 199 10.47 -7.88 3.49
CA ASN A 199 9.82 -6.92 4.41
C ASN A 199 10.00 -5.47 4.00
N PRO A 200 9.52 -5.12 2.80
CA PRO A 200 9.78 -3.77 2.30
C PRO A 200 9.10 -2.69 3.15
N VAL A 201 9.80 -1.59 3.35
CA VAL A 201 9.18 -0.40 3.93
C VAL A 201 8.28 0.28 2.90
N LEU A 202 7.07 0.66 3.31
CA LEU A 202 6.18 1.41 2.41
C LEU A 202 6.35 2.90 2.62
N ILE A 203 6.59 3.62 1.53
CA ILE A 203 6.67 5.08 1.59
C ILE A 203 5.62 5.62 0.63
N ASN A 204 4.65 6.35 1.17
CA ASN A 204 3.50 6.82 0.40
C ASN A 204 3.53 8.33 0.33
N VAL A 205 3.77 8.88 -0.87
CA VAL A 205 3.84 10.33 -1.02
C VAL A 205 2.63 10.94 -1.71
N ILE A 206 1.54 10.18 -1.84
CA ILE A 206 0.33 10.65 -2.52
C ILE A 206 -0.13 12.05 -2.08
N LYS A 207 0.04 12.36 -0.80
CA LYS A 207 -0.44 13.62 -0.27
C LYS A 207 0.52 14.80 -0.50
N ASP A 208 1.67 14.53 -1.10
CA ASP A 208 2.68 15.56 -1.29
C ASP A 208 3.27 15.47 -2.69
N GLU A 209 2.41 15.57 -3.70
CA GLU A 209 2.85 15.46 -5.07
C GLU A 209 2.51 16.74 -5.84
N PRO A 210 3.39 17.15 -6.77
CA PRO A 210 3.13 18.31 -7.62
C PRO A 210 2.00 18.02 -8.59
N VAL A 211 1.26 19.04 -8.99
CA VAL A 211 0.28 18.88 -10.06
C VAL A 211 1.00 18.79 -11.40
N THR A 212 0.77 17.70 -12.11
CA THR A 212 1.50 17.36 -13.31
C THR A 212 0.57 17.36 -14.53
N TYR A 213 -0.72 17.21 -14.26
CA TYR A 213 -1.69 17.13 -15.35
C TYR A 213 -2.07 18.49 -15.96
N GLU A 214 -2.50 18.45 -17.22
CA GLU A 214 -3.11 19.61 -17.86
C GLU A 214 -4.55 19.72 -17.38
N GLU A 215 -4.97 20.94 -17.06
CA GLU A 215 -6.35 21.23 -16.66
C GLU A 215 -6.99 22.13 -17.70
N GLU A 216 -8.21 21.83 -18.11
CA GLU A 216 -8.95 22.71 -19.03
C GLU A 216 -10.38 22.82 -18.52
N ALA A 217 -10.87 24.05 -18.40
CA ALA A 217 -12.28 24.29 -18.12
C ALA A 217 -12.99 24.45 -19.45
N VAL A 218 -13.94 23.56 -19.73
CA VAL A 218 -14.63 23.57 -21.01
C VAL A 218 -16.09 23.98 -20.88
N PRO A 219 -16.46 25.12 -21.45
CA PRO A 219 -17.88 25.52 -21.41
C PRO A 219 -18.73 24.51 -22.18
N ALA A 220 -19.80 24.03 -21.54
CA ALA A 220 -20.65 23.03 -22.18
C ALA A 220 -22.10 23.19 -21.71
N PRO A 221 -23.06 23.03 -22.64
CA PRO A 221 -24.45 23.17 -22.24
C PRO A 221 -24.89 22.01 -21.34
N VAL A 222 -25.91 22.25 -20.53
CA VAL A 222 -26.51 21.17 -19.76
C VAL A 222 -27.21 20.22 -20.72
N ARG A 223 -28.04 20.78 -21.61
CA ARG A 223 -28.72 19.98 -22.62
C ARG A 223 -27.77 19.37 -23.65
N GLY A 224 -27.81 18.05 -23.77
CA GLY A 224 -26.95 17.35 -24.71
C GLY A 224 -25.50 17.23 -24.24
N ARG A 225 -25.28 17.34 -22.93
CA ARG A 225 -23.94 17.25 -22.39
C ARG A 225 -23.33 15.87 -22.63
N LEU A 226 -24.18 14.85 -22.72
CA LEU A 226 -23.70 13.49 -22.91
C LEU A 226 -22.98 13.34 -24.25
N GLU A 227 -23.56 13.92 -25.30
CA GLU A 227 -22.94 13.86 -26.61
C GLU A 227 -21.61 14.58 -26.60
N VAL A 228 -21.56 15.67 -25.84
CA VAL A 228 -20.35 16.48 -25.72
C VAL A 228 -19.26 15.65 -25.06
N LEU A 229 -19.64 14.96 -23.99
CA LEU A 229 -18.71 14.05 -23.32
C LEU A 229 -18.23 12.93 -24.25
N SER A 230 -19.16 12.32 -24.97
CA SER A 230 -18.80 11.20 -25.84
C SER A 230 -17.84 11.64 -26.95
N ASP A 231 -18.10 12.77 -27.58
CA ASP A 231 -17.21 13.29 -28.62
C ASP A 231 -15.83 13.61 -28.06
N LEU A 232 -15.80 14.20 -26.87
CA LEU A 232 -14.53 14.49 -26.22
C LEU A 232 -13.73 13.22 -25.98
N LEU A 233 -14.43 12.14 -25.59
CA LEU A 233 -13.76 10.89 -25.28
C LEU A 233 -13.20 10.23 -26.55
N TYR A 234 -13.97 10.28 -27.65
CA TYR A 234 -13.49 9.77 -28.92
C TYR A 234 -12.31 10.59 -29.43
N VAL A 235 -12.39 11.90 -29.32
CA VAL A 235 -11.31 12.77 -29.79
C VAL A 235 -10.04 12.60 -28.98
N ALA A 236 -10.17 12.55 -27.65
CA ALA A 236 -9.00 12.38 -26.80
C ALA A 236 -8.48 10.95 -26.87
N SER A 237 -9.40 10.01 -27.09
CA SER A 237 -9.07 8.59 -27.13
C SER A 237 -8.19 8.08 -25.97
N PRO A 238 -8.59 8.35 -24.73
CA PRO A 238 -7.76 7.88 -23.61
C PRO A 238 -7.84 6.37 -23.44
N ASP A 239 -6.77 5.74 -22.96
CA ASP A 239 -6.81 4.32 -22.70
C ASP A 239 -7.74 4.00 -21.54
N ARG A 240 -7.73 4.85 -20.53
CA ARG A 240 -8.65 4.75 -19.42
C ARG A 240 -9.10 6.15 -19.04
N ALA A 241 -10.36 6.28 -18.67
CA ALA A 241 -10.89 7.58 -18.33
C ALA A 241 -11.85 7.41 -17.18
N MET A 242 -11.91 8.41 -16.33
CA MET A 242 -12.85 8.43 -15.25
C MET A 242 -13.70 9.68 -15.34
N VAL A 243 -15.00 9.51 -15.23
CA VAL A 243 -15.94 10.64 -15.34
C VAL A 243 -16.67 10.77 -14.02
N PHE A 244 -16.61 11.95 -13.41
CA PHE A 244 -17.21 12.17 -12.10
C PHE A 244 -18.53 12.92 -12.17
N THR A 245 -19.52 12.43 -11.43
CA THR A 245 -20.80 13.11 -11.35
C THR A 245 -21.33 13.08 -9.92
N ARG A 246 -22.45 13.76 -9.70
CA ARG A 246 -22.92 13.99 -8.35
C ARG A 246 -23.65 12.80 -7.70
N THR A 247 -24.55 12.15 -8.42
CA THR A 247 -25.40 11.12 -7.81
C THR A 247 -25.22 9.74 -8.41
N LYS A 248 -25.68 8.72 -7.68
CA LYS A 248 -25.69 7.36 -8.18
C LYS A 248 -26.51 7.23 -9.46
N ALA A 249 -27.69 7.82 -9.48
CA ALA A 249 -28.55 7.76 -10.64
C ALA A 249 -27.86 8.30 -11.88
N GLU A 250 -27.12 9.38 -11.72
CA GLU A 250 -26.38 9.96 -12.85
C GLU A 250 -25.32 9.02 -13.40
N THR A 251 -24.59 8.31 -12.52
CA THR A 251 -23.54 7.41 -12.99
C THR A 251 -24.12 6.33 -13.90
N GLU A 252 -25.33 5.89 -13.57
CA GLU A 252 -26.00 4.85 -14.33
C GLU A 252 -26.44 5.40 -15.68
N GLU A 253 -27.11 6.54 -15.66
CA GLU A 253 -27.59 7.18 -16.88
C GLU A 253 -26.44 7.47 -17.84
N ILE A 254 -25.37 8.03 -17.32
CA ILE A 254 -24.21 8.38 -18.13
C ILE A 254 -23.47 7.16 -18.67
N ALA A 255 -23.22 6.17 -17.80
CA ALA A 255 -22.51 4.98 -18.23
C ALA A 255 -23.29 4.28 -19.34
N GLN A 256 -24.60 4.21 -19.17
CA GLN A 256 -25.46 3.56 -20.13
C GLN A 256 -25.49 4.37 -21.42
N GLY A 257 -25.52 5.69 -21.28
CA GLY A 257 -25.49 6.57 -22.45
C GLY A 257 -24.20 6.39 -23.25
N LEU A 258 -23.07 6.34 -22.54
CA LEU A 258 -21.78 6.20 -23.20
C LEU A 258 -21.64 4.84 -23.87
N LEU A 259 -22.21 3.82 -23.24
CA LEU A 259 -22.21 2.46 -23.78
C LEU A 259 -23.01 2.42 -25.08
N ARG A 260 -24.16 3.09 -25.08
CA ARG A 260 -25.01 3.18 -26.27
CA ARG A 260 -25.03 3.24 -26.24
C ARG A 260 -24.26 3.85 -27.40
N LEU A 261 -23.40 4.80 -27.07
CA LEU A 261 -22.62 5.55 -28.06
C LEU A 261 -21.30 4.88 -28.45
N GLY A 262 -21.03 3.73 -27.85
CA GLY A 262 -19.88 2.94 -28.26
C GLY A 262 -18.70 2.84 -27.30
N HIS A 263 -18.82 3.43 -26.12
CA HIS A 263 -17.74 3.36 -25.12
C HIS A 263 -17.94 2.21 -24.14
N PRO A 264 -16.87 1.44 -23.86
CA PRO A 264 -16.91 0.43 -22.79
C PRO A 264 -16.95 1.12 -21.43
N ALA A 265 -18.14 1.49 -20.98
CA ALA A 265 -18.30 2.27 -19.77
C ALA A 265 -19.11 1.52 -18.73
N GLN A 266 -18.79 1.79 -17.47
CA GLN A 266 -19.50 1.19 -16.35
C GLN A 266 -19.63 2.19 -15.22
N ALA A 267 -20.72 2.08 -14.47
CA ALA A 267 -20.95 2.91 -13.30
C ALA A 267 -20.24 2.37 -12.06
N LEU A 268 -19.67 3.28 -11.28
CA LEU A 268 -19.12 2.94 -9.98
C LEU A 268 -19.83 3.83 -8.97
N HIS A 269 -20.70 3.23 -8.17
CA HIS A 269 -21.42 3.96 -7.14
C HIS A 269 -21.42 3.19 -5.83
N GLY A 270 -21.88 3.85 -4.76
CA GLY A 270 -21.81 3.29 -3.42
C GLY A 270 -22.76 2.15 -3.12
N ASP A 271 -23.71 1.89 -4.01
CA ASP A 271 -24.72 0.87 -3.76
C ASP A 271 -24.34 -0.51 -4.29
N LEU A 272 -23.22 -0.57 -4.99
CA LEU A 272 -22.71 -1.86 -5.46
C LEU A 272 -22.15 -2.65 -4.28
N SER A 273 -22.30 -3.96 -4.33
CA SER A 273 -21.69 -4.83 -3.32
C SER A 273 -20.19 -4.89 -3.57
N GLN A 274 -19.44 -5.48 -2.64
CA GLN A 274 -18.00 -5.63 -2.83
C GLN A 274 -17.70 -6.51 -4.04
N GLY A 275 -18.51 -7.54 -4.24
CA GLY A 275 -18.38 -8.39 -5.42
C GLY A 275 -18.51 -7.55 -6.67
N GLU A 276 -19.62 -6.80 -6.78
CA GLU A 276 -19.86 -5.93 -7.92
C GLU A 276 -18.76 -4.90 -8.12
N ARG A 277 -18.35 -4.24 -7.04
CA ARG A 277 -17.31 -3.23 -7.11
C ARG A 277 -15.96 -3.84 -7.52
N GLU A 278 -15.64 -5.00 -6.97
CA GLU A 278 -14.39 -5.68 -7.31
C GLU A 278 -14.36 -6.06 -8.78
N ARG A 279 -15.48 -6.55 -9.30
CA ARG A 279 -15.54 -6.95 -10.70
C ARG A 279 -15.39 -5.75 -11.63
N VAL A 280 -16.03 -4.65 -11.26
CA VAL A 280 -15.95 -3.42 -12.06
C VAL A 280 -14.52 -2.88 -12.11
N LEU A 281 -13.90 -2.71 -10.95
CA LEU A 281 -12.53 -2.21 -10.89
C LEU A 281 -11.54 -3.17 -11.54
N GLY A 282 -11.80 -4.47 -11.40
CA GLY A 282 -11.01 -5.49 -12.06
C GLY A 282 -11.11 -5.40 -13.57
N ALA A 283 -12.32 -5.24 -14.09
CA ALA A 283 -12.53 -5.06 -15.53
C ALA A 283 -11.90 -3.77 -16.03
N PHE A 284 -11.90 -2.76 -15.17
CA PHE A 284 -11.28 -1.47 -15.46
C PHE A 284 -9.76 -1.65 -15.56
N ARG A 285 -9.19 -2.34 -14.59
CA ARG A 285 -7.76 -2.55 -14.55
C ARG A 285 -7.34 -3.36 -15.77
N GLN A 286 -8.18 -4.32 -16.16
CA GLN A 286 -7.84 -5.24 -17.24
C GLN A 286 -8.04 -4.64 -18.64
N GLY A 287 -8.85 -3.58 -18.73
CA GLY A 287 -9.09 -2.93 -20.00
C GLY A 287 -10.39 -3.33 -20.65
N GLU A 288 -11.13 -4.25 -20.02
CA GLU A 288 -12.45 -4.63 -20.52
C GLU A 288 -13.40 -3.44 -20.43
N VAL A 289 -13.24 -2.65 -19.37
CA VAL A 289 -13.95 -1.39 -19.21
C VAL A 289 -12.89 -0.31 -19.38
N ARG A 290 -13.21 0.75 -20.11
CA ARG A 290 -12.22 1.80 -20.32
C ARG A 290 -12.70 3.17 -19.81
N VAL A 291 -13.97 3.26 -19.48
CA VAL A 291 -14.51 4.47 -18.87
C VAL A 291 -15.29 4.13 -17.61
N LEU A 292 -14.85 4.70 -16.50
CA LEU A 292 -15.53 4.53 -15.23
C LEU A 292 -16.28 5.81 -14.91
N VAL A 293 -17.59 5.72 -14.68
CA VAL A 293 -18.39 6.86 -14.29
C VAL A 293 -18.73 6.72 -12.80
N ALA A 294 -18.24 7.64 -12.00
CA ALA A 294 -18.22 7.43 -10.55
C ALA A 294 -18.73 8.62 -9.77
N THR A 295 -19.19 8.34 -8.55
CA THR A 295 -19.50 9.40 -7.59
C THR A 295 -18.27 9.63 -6.72
N ASP A 296 -18.25 10.74 -6.00
CA ASP A 296 -17.15 11.08 -5.12
C ASP A 296 -17.02 10.06 -4.00
N VAL A 297 -18.16 9.64 -3.45
CA VAL A 297 -18.19 8.67 -2.36
C VAL A 297 -17.58 7.33 -2.77
N ALA A 298 -17.95 6.87 -3.97
CA ALA A 298 -17.54 5.55 -4.44
C ALA A 298 -16.08 5.52 -4.88
N ALA A 299 -15.51 6.68 -5.16
CA ALA A 299 -14.16 6.77 -5.66
C ALA A 299 -13.15 6.99 -4.55
N ARG A 300 -13.63 7.06 -3.31
CA ARG A 300 -12.73 7.14 -2.18
C ARG A 300 -12.15 5.75 -1.91
N GLY A 301 -10.83 5.68 -1.82
CA GLY A 301 -10.16 4.42 -1.61
C GLY A 301 -8.86 4.31 -2.36
N LEU A 302 -8.11 3.26 -2.05
CA LEU A 302 -6.80 3.04 -2.64
C LEU A 302 -6.86 2.04 -3.80
N ASP A 303 -8.07 1.61 -4.12
CA ASP A 303 -8.27 0.52 -5.08
C ASP A 303 -8.64 1.03 -6.47
N ILE A 304 -8.48 2.32 -6.69
CA ILE A 304 -8.84 2.93 -7.97
C ILE A 304 -7.60 3.22 -8.81
N PRO A 305 -7.53 2.61 -10.00
CA PRO A 305 -6.36 2.76 -10.88
C PRO A 305 -6.22 4.18 -11.45
N GLN A 306 -4.99 4.58 -11.78
CA GLN A 306 -4.73 5.84 -12.46
C GLN A 306 -5.34 5.84 -13.85
N VAL A 307 -5.72 7.00 -14.34
CA VAL A 307 -6.31 7.11 -15.67
C VAL A 307 -5.57 8.15 -16.51
N ASP A 308 -5.89 8.20 -17.80
CA ASP A 308 -5.29 9.17 -18.69
C ASP A 308 -6.13 10.46 -18.77
N LEU A 309 -7.42 10.35 -18.46
CA LEU A 309 -8.31 11.51 -18.52
C LEU A 309 -9.32 11.46 -17.40
N VAL A 310 -9.43 12.55 -16.65
CA VAL A 310 -10.50 12.71 -15.68
C VAL A 310 -11.42 13.79 -16.22
N VAL A 311 -12.72 13.50 -16.29
CA VAL A 311 -13.71 14.49 -16.69
C VAL A 311 -14.64 14.79 -15.53
N HIS A 312 -14.74 16.07 -15.17
CA HIS A 312 -15.75 16.52 -14.22
C HIS A 312 -17.03 16.82 -14.96
N TYR A 313 -17.99 15.89 -14.88
CA TYR A 313 -19.25 16.02 -15.60
C TYR A 313 -20.15 17.02 -14.89
N ARG A 314 -20.12 16.99 -13.56
CA ARG A 314 -20.63 18.05 -12.73
C ARG A 314 -19.46 18.62 -11.95
N LEU A 315 -19.54 19.89 -11.57
CA LEU A 315 -18.47 20.50 -10.81
C LEU A 315 -18.40 19.89 -9.41
N PRO A 316 -17.18 19.78 -8.86
CA PRO A 316 -17.01 19.35 -7.47
C PRO A 316 -17.49 20.46 -6.53
N ASP A 317 -17.98 20.10 -5.35
CA ASP A 317 -18.44 21.09 -4.38
C ASP A 317 -17.29 21.88 -3.77
N ARG A 318 -16.18 21.20 -3.50
CA ARG A 318 -15.06 21.79 -2.77
C ARG A 318 -13.72 21.50 -3.45
N ALA A 319 -12.69 22.24 -3.05
CA ALA A 319 -11.35 22.03 -3.58
C ALA A 319 -10.85 20.65 -3.23
N GLU A 320 -11.17 20.18 -2.02
CA GLU A 320 -10.79 18.84 -1.59
C GLU A 320 -11.30 17.80 -2.58
N ALA A 321 -12.58 17.93 -2.95
CA ALA A 321 -13.20 17.01 -3.90
C ALA A 321 -12.55 17.14 -5.28
N TYR A 322 -12.28 18.38 -5.70
CA TYR A 322 -11.60 18.59 -6.98
C TYR A 322 -10.27 17.84 -7.03
N GLN A 323 -9.44 18.03 -6.00
CA GLN A 323 -8.13 17.39 -5.99
C GLN A 323 -8.19 15.86 -5.87
N HIS A 324 -9.10 15.36 -5.05
CA HIS A 324 -9.29 13.90 -4.93
C HIS A 324 -9.67 13.28 -6.26
N ARG A 325 -10.55 13.95 -7.01
CA ARG A 325 -10.92 13.47 -8.33
C ARG A 325 -9.77 13.56 -9.31
N SER A 326 -9.13 14.72 -9.37
CA SER A 326 -8.20 15.02 -10.46
C SER A 326 -6.88 14.28 -10.29
N GLY A 327 -6.55 13.93 -9.05
CA GLY A 327 -5.31 13.23 -8.75
C GLY A 327 -5.23 11.84 -9.35
N ARG A 328 -6.37 11.31 -9.78
CA ARG A 328 -6.42 9.98 -10.39
C ARG A 328 -5.83 9.97 -11.79
N THR A 329 -5.54 11.15 -12.35
CA THR A 329 -5.03 11.19 -13.72
C THR A 329 -3.51 11.14 -13.75
N GLY A 330 -2.95 10.56 -14.80
CA GLY A 330 -1.52 10.43 -14.94
C GLY A 330 -1.04 9.02 -14.63
N ARG A 331 -0.53 8.32 -15.64
CA ARG A 331 0.04 6.98 -15.47
C ARG A 331 1.13 6.76 -16.49
N ALA A 332 2.00 5.78 -16.22
CA ALA A 332 3.00 5.34 -17.19
C ALA A 332 3.89 6.47 -17.71
N GLY A 333 4.26 7.40 -16.82
CA GLY A 333 5.12 8.50 -17.19
C GLY A 333 4.43 9.71 -17.81
N ARG A 334 3.14 9.56 -18.13
CA ARG A 334 2.37 10.66 -18.74
C ARG A 334 1.60 11.45 -17.68
N GLY A 335 1.63 12.78 -17.78
CA GLY A 335 1.00 13.65 -16.81
C GLY A 335 -0.51 13.54 -16.75
N GLY A 336 -1.12 13.18 -17.87
CA GLY A 336 -2.56 13.06 -17.95
C GLY A 336 -3.27 14.39 -18.13
N ARG A 337 -4.59 14.34 -18.15
CA ARG A 337 -5.38 15.51 -18.49
C ARG A 337 -6.65 15.52 -17.65
N VAL A 338 -7.10 16.71 -17.27
CA VAL A 338 -8.33 16.86 -16.53
C VAL A 338 -9.20 17.86 -17.29
N VAL A 339 -10.47 17.53 -17.48
CA VAL A 339 -11.40 18.44 -18.13
C VAL A 339 -12.57 18.74 -17.20
N LEU A 340 -12.82 20.01 -16.95
CA LEU A 340 -13.99 20.42 -16.18
C LEU A 340 -15.05 20.93 -17.15
N LEU A 341 -16.16 20.23 -17.26
CA LEU A 341 -17.29 20.74 -18.02
C LEU A 341 -18.09 21.68 -17.14
N TYR A 342 -18.40 22.88 -17.63
CA TYR A 342 -19.21 23.79 -16.85
C TYR A 342 -20.19 24.54 -17.74
N GLY A 343 -21.40 24.73 -17.23
CA GLY A 343 -22.48 25.35 -18.00
C GLY A 343 -22.45 26.86 -17.95
N PRO A 344 -23.30 27.50 -18.79
CA PRO A 344 -23.45 28.96 -18.91
C PRO A 344 -23.58 29.66 -17.56
N ARG A 345 -24.06 28.92 -16.57
CA ARG A 345 -24.40 29.49 -15.26
C ARG A 345 -23.21 29.54 -14.30
N GLU A 346 -22.27 28.62 -14.46
CA GLU A 346 -21.33 28.29 -13.40
C GLU A 346 -19.97 28.99 -13.44
N ARG A 347 -19.88 30.13 -14.12
CA ARG A 347 -18.63 30.86 -14.19
C ARG A 347 -18.01 31.13 -12.82
N ARG A 348 -18.79 31.74 -11.92
CA ARG A 348 -18.28 32.06 -10.58
C ARG A 348 -18.00 30.82 -9.75
N ASP A 349 -18.77 29.76 -9.99
CA ASP A 349 -18.54 28.47 -9.35
C ASP A 349 -17.12 27.96 -9.67
N VAL A 350 -16.74 28.12 -10.93
CA VAL A 350 -15.40 27.73 -11.37
C VAL A 350 -14.33 28.63 -10.74
N GLU A 351 -14.59 29.94 -10.77
CA GLU A 351 -13.69 30.92 -10.17
C GLU A 351 -13.47 30.63 -8.68
N ALA A 352 -14.54 30.28 -7.99
CA ALA A 352 -14.46 29.90 -6.58
C ALA A 352 -13.61 28.65 -6.42
N LEU A 353 -13.77 27.70 -7.34
CA LEU A 353 -12.95 26.50 -7.35
C LEU A 353 -11.48 26.85 -7.52
N GLU A 354 -11.19 27.69 -8.53
CA GLU A 354 -9.83 28.14 -8.79
C GLU A 354 -9.22 28.83 -7.58
N ARG A 355 -10.02 29.69 -6.95
CA ARG A 355 -9.59 30.40 -5.76
C ARG A 355 -9.24 29.40 -4.66
N ALA A 356 -10.17 28.50 -4.38
CA ALA A 356 -9.98 27.47 -3.36
C ALA A 356 -8.76 26.59 -3.65
N VAL A 357 -8.61 26.21 -4.92
CA VAL A 357 -7.47 25.39 -5.35
C VAL A 357 -6.19 26.22 -5.40
N GLY A 358 -6.33 27.51 -5.67
CA GLY A 358 -5.17 28.39 -5.76
C GLY A 358 -4.43 28.18 -7.07
N ARG A 359 -5.21 28.00 -8.14
CA ARG A 359 -4.67 27.66 -9.44
C ARG A 359 -5.72 28.02 -10.49
N ARG A 360 -5.29 28.65 -11.58
CA ARG A 360 -6.21 29.00 -12.67
C ARG A 360 -6.30 27.88 -13.69
N PHE A 361 -7.52 27.58 -14.13
CA PHE A 361 -7.74 26.56 -15.16
C PHE A 361 -7.68 27.19 -16.55
N LYS A 362 -7.13 26.46 -17.50
CA LYS A 362 -7.08 26.92 -18.89
C LYS A 362 -8.48 26.98 -19.48
N ARG A 363 -8.83 28.15 -19.99
CA ARG A 363 -10.14 28.32 -20.60
C ARG A 363 -10.10 28.00 -22.08
N VAL A 364 -10.98 27.11 -22.48
CA VAL A 364 -11.23 26.86 -23.88
C VAL A 364 -12.10 28.00 -24.39
N ASN A 365 -11.47 29.02 -24.98
CA ASN A 365 -12.16 30.23 -25.42
C ASN A 365 -12.58 30.18 -26.89
N MET B 1 23.24 4.13 5.83
CA MET B 1 23.58 5.43 6.38
C MET B 1 23.55 5.32 7.90
N GLU B 2 24.64 5.76 8.53
CA GLU B 2 24.76 5.80 9.98
C GLU B 2 24.18 7.13 10.43
N PHE B 3 24.01 7.31 11.74
CA PHE B 3 23.48 8.58 12.22
C PHE B 3 24.38 9.76 11.78
N LYS B 4 25.67 9.49 11.69
CA LYS B 4 26.66 10.50 11.29
C LYS B 4 26.44 10.96 9.83
N ASP B 5 25.70 10.18 9.07
CA ASP B 5 25.38 10.52 7.68
C ASP B 5 24.16 11.44 7.52
N PHE B 6 23.60 11.87 8.65
CA PHE B 6 22.51 12.85 8.64
C PHE B 6 22.99 14.12 9.33
N PRO B 7 22.38 15.28 9.01
CA PRO B 7 22.85 16.53 9.62
C PRO B 7 22.31 16.69 11.05
N LEU B 8 22.94 15.98 11.98
CA LEU B 8 22.56 16.01 13.39
C LEU B 8 23.64 16.74 14.18
N LYS B 9 23.22 17.59 15.11
CA LYS B 9 24.12 18.35 15.99
C LYS B 9 25.08 17.43 16.75
N PRO B 10 26.26 17.96 17.13
CA PRO B 10 27.25 17.19 17.89
C PRO B 10 26.69 16.69 19.22
N GLU B 11 25.83 17.45 19.87
CA GLU B 11 25.28 17.03 21.16
C GLU B 11 24.44 15.78 21.00
N ILE B 12 23.73 15.72 19.88
CA ILE B 12 22.86 14.60 19.59
C ILE B 12 23.69 13.37 19.24
N LEU B 13 24.70 13.53 18.38
CA LEU B 13 25.52 12.38 18.00
C LEU B 13 26.29 11.85 19.20
N GLU B 14 26.73 12.74 20.08
CA GLU B 14 27.45 12.31 21.27
C GLU B 14 26.56 11.46 22.18
N ALA B 15 25.30 11.87 22.32
CA ALA B 15 24.37 11.12 23.16
C ALA B 15 24.08 9.75 22.56
N LEU B 16 23.88 9.70 21.24
CA LEU B 16 23.60 8.44 20.54
C LEU B 16 24.78 7.50 20.63
N HIS B 17 25.96 8.02 20.32
CA HIS B 17 27.17 7.20 20.35
C HIS B 17 27.49 6.74 21.78
N GLY B 18 27.15 7.58 22.76
CA GLY B 18 27.38 7.23 24.15
C GLY B 18 26.54 6.03 24.54
N ARG B 19 25.40 5.87 23.89
CA ARG B 19 24.46 4.78 24.16
C ARG B 19 24.69 3.60 23.20
N GLY B 20 25.78 3.65 22.45
CA GLY B 20 26.10 2.60 21.49
C GLY B 20 25.25 2.59 20.23
N LEU B 21 24.54 3.66 19.95
CA LEU B 21 23.68 3.70 18.77
C LEU B 21 24.35 4.39 17.60
N THR B 22 24.70 3.63 16.57
CA THR B 22 25.39 4.19 15.42
C THR B 22 24.55 4.23 14.16
N THR B 23 23.55 3.35 14.06
CA THR B 23 22.77 3.22 12.82
C THR B 23 21.25 3.34 13.03
N PRO B 24 20.56 4.17 12.23
CA PRO B 24 19.11 4.28 12.44
C PRO B 24 18.34 3.02 12.04
N THR B 25 17.21 2.79 12.68
CA THR B 25 16.29 1.73 12.28
C THR B 25 15.59 2.19 11.00
N PRO B 26 14.85 1.28 10.32
CA PRO B 26 14.19 1.69 9.07
C PRO B 26 13.26 2.91 9.18
N ILE B 27 12.40 2.95 10.20
CA ILE B 27 11.48 4.09 10.35
C ILE B 27 12.30 5.38 10.55
N GLN B 28 13.40 5.27 11.28
CA GLN B 28 14.25 6.45 11.51
C GLN B 28 14.92 6.92 10.22
N ALA B 29 15.51 5.99 9.50
CA ALA B 29 16.28 6.29 8.29
C ALA B 29 15.40 6.97 7.24
N ALA B 30 14.20 6.45 7.05
CA ALA B 30 13.29 7.01 6.04
C ALA B 30 12.69 8.34 6.48
N ALA B 31 12.49 8.51 7.78
CA ALA B 31 11.84 9.73 8.29
C ALA B 31 12.80 10.92 8.43
N LEU B 32 14.05 10.64 8.76
CA LEU B 32 14.97 11.71 9.17
C LEU B 32 15.18 12.84 8.14
N PRO B 33 15.40 12.52 6.86
CA PRO B 33 15.67 13.66 5.98
C PRO B 33 14.49 14.64 5.88
N LEU B 34 13.27 14.13 5.77
CA LEU B 34 12.07 14.97 5.74
C LEU B 34 11.78 15.64 7.08
N ALA B 35 11.84 14.87 8.16
CA ALA B 35 11.52 15.39 9.49
C ALA B 35 12.51 16.48 9.91
N LEU B 36 13.79 16.29 9.60
CA LEU B 36 14.80 17.31 9.93
C LEU B 36 14.60 18.59 9.13
N GLU B 37 13.95 18.46 7.97
CA GLU B 37 13.62 19.61 7.12
C GLU B 37 12.32 20.27 7.58
N GLY B 38 11.71 19.73 8.63
CA GLY B 38 10.48 20.33 9.16
C GLY B 38 9.18 19.88 8.49
N LYS B 39 9.22 18.80 7.70
CA LYS B 39 8.02 18.34 6.99
C LYS B 39 7.13 17.46 7.86
N ASP B 40 5.82 17.46 7.57
CA ASP B 40 4.89 16.63 8.32
C ASP B 40 4.99 15.17 7.87
N LEU B 41 4.78 14.26 8.81
CA LEU B 41 4.99 12.84 8.54
C LEU B 41 3.98 12.01 9.30
N ILE B 42 3.51 10.94 8.68
CA ILE B 42 2.77 9.92 9.39
C ILE B 42 3.64 8.67 9.44
N GLY B 43 3.89 8.16 10.64
CA GLY B 43 4.71 6.98 10.80
C GLY B 43 3.87 5.83 11.37
N GLN B 44 3.86 4.70 10.67
CA GLN B 44 3.15 3.51 11.13
C GLN B 44 4.18 2.49 11.58
N ALA B 45 4.27 2.32 12.89
CA ALA B 45 5.30 1.50 13.48
C ALA B 45 4.83 1.03 14.84
N ARG B 46 5.19 -0.19 15.19
CA ARG B 46 4.87 -0.70 16.51
C ARG B 46 5.97 -0.28 17.46
N THR B 47 5.76 -0.46 18.75
CA THR B 47 6.85 -0.28 19.69
C THR B 47 7.89 -1.36 19.34
N GLY B 48 9.17 -1.01 19.47
CA GLY B 48 10.25 -1.92 19.11
C GLY B 48 10.88 -1.65 17.76
N THR B 49 10.36 -0.65 17.04
CA THR B 49 10.85 -0.30 15.71
C THR B 49 11.81 0.90 15.74
N GLY B 50 11.98 1.49 16.92
CA GLY B 50 12.74 2.72 17.09
C GLY B 50 11.92 3.96 16.79
N LYS B 51 10.60 3.84 16.97
CA LYS B 51 9.75 4.94 16.51
C LYS B 51 9.91 6.21 17.35
N THR B 52 10.21 6.07 18.64
CA THR B 52 10.39 7.25 19.49
C THR B 52 11.50 8.18 18.99
N LEU B 53 12.68 7.64 18.68
CA LEU B 53 13.75 8.46 18.12
C LEU B 53 13.40 9.08 16.77
N ALA B 54 12.51 8.43 16.04
CA ALA B 54 12.09 8.98 14.75
C ALA B 54 11.42 10.36 14.90
N PHE B 55 10.82 10.64 16.07
CA PHE B 55 10.34 12.02 16.31
C PHE B 55 11.17 12.78 17.35
N ALA B 56 11.85 12.07 18.24
CA ALA B 56 12.67 12.75 19.24
C ALA B 56 13.89 13.43 18.62
N LEU B 57 14.52 12.77 17.65
CA LEU B 57 15.69 13.37 16.99
C LEU B 57 15.38 14.67 16.23
N PRO B 58 14.26 14.72 15.46
CA PRO B 58 13.91 16.01 14.86
C PRO B 58 13.61 17.13 15.86
N ILE B 59 12.97 16.81 16.98
CA ILE B 59 12.74 17.80 18.02
C ILE B 59 14.09 18.32 18.52
N ALA B 60 14.98 17.40 18.86
CA ALA B 60 16.32 17.74 19.35
C ALA B 60 17.08 18.61 18.35
N GLU B 61 16.98 18.27 17.07
CA GLU B 61 17.73 18.98 16.04
C GLU B 61 17.13 20.36 15.73
N ARG B 62 15.81 20.45 15.70
CA ARG B 62 15.17 21.69 15.24
C ARG B 62 15.09 22.77 16.31
N LEU B 63 15.13 22.40 17.59
CA LEU B 63 15.07 23.40 18.66
C LEU B 63 16.47 23.73 19.18
N ALA B 64 16.83 25.01 19.15
CA ALA B 64 18.05 25.49 19.78
C ALA B 64 17.74 25.69 21.26
N PRO B 65 18.77 25.69 22.12
CA PRO B 65 18.47 25.90 23.54
C PRO B 65 17.99 27.32 23.81
N SER B 66 17.29 27.50 24.92
CA SER B 66 16.88 28.84 25.35
C SER B 66 17.06 28.94 26.86
N GLN B 67 17.52 30.09 27.33
CA GLN B 67 17.73 30.31 28.75
C GLN B 67 16.61 31.15 29.38
N GLU B 68 15.60 31.47 28.59
CA GLU B 68 14.55 32.39 29.03
C GLU B 68 13.72 31.81 30.18
N ARG B 69 13.72 32.52 31.30
CA ARG B 69 12.98 32.10 32.48
C ARG B 69 11.48 32.14 32.20
N GLY B 70 10.78 31.06 32.57
CA GLY B 70 9.35 30.97 32.34
C GLY B 70 8.93 30.82 30.89
N ARG B 71 9.84 30.35 30.04
CA ARG B 71 9.55 30.22 28.62
C ARG B 71 8.53 29.11 28.33
N LYS B 72 7.82 29.26 27.22
CA LYS B 72 6.79 28.33 26.81
C LYS B 72 7.40 27.24 25.92
N PRO B 73 6.84 26.02 25.97
CA PRO B 73 7.40 24.90 25.21
C PRO B 73 7.30 25.11 23.70
N ARG B 74 8.30 24.65 22.97
CA ARG B 74 8.31 24.75 21.52
C ARG B 74 8.02 23.39 20.89
N ALA B 75 7.93 22.37 21.74
CA ALA B 75 7.59 21.02 21.30
C ALA B 75 6.56 20.41 22.25
N LEU B 76 5.59 19.72 21.68
CA LEU B 76 4.55 19.03 22.45
C LEU B 76 4.43 17.62 21.94
N VAL B 77 4.56 16.65 22.84
CA VAL B 77 4.31 15.27 22.46
C VAL B 77 3.14 14.75 23.30
N LEU B 78 2.12 14.23 22.64
CA LEU B 78 0.97 13.65 23.34
C LEU B 78 1.04 12.14 23.30
N THR B 79 0.93 11.51 24.47
CA THR B 79 0.95 10.06 24.59
C THR B 79 -0.28 9.59 25.38
N PRO B 80 -0.74 8.36 25.11
CA PRO B 80 -1.97 7.92 25.79
C PRO B 80 -1.80 7.60 27.28
N THR B 81 -0.62 7.19 27.72
CA THR B 81 -0.46 6.69 29.09
C THR B 81 0.74 7.30 29.81
N ARG B 82 0.73 7.23 31.13
CA ARG B 82 1.87 7.65 31.95
C ARG B 82 3.13 6.85 31.60
N GLU B 83 2.96 5.55 31.39
CA GLU B 83 4.10 4.71 31.06
C GLU B 83 4.80 5.21 29.79
N LEU B 84 4.03 5.48 28.75
CA LEU B 84 4.63 5.90 27.49
C LEU B 84 5.22 7.31 27.62
N ALA B 85 4.54 8.16 28.38
CA ALA B 85 5.00 9.53 28.56
C ALA B 85 6.37 9.55 29.22
N LEU B 86 6.57 8.67 30.20
CA LEU B 86 7.86 8.52 30.86
C LEU B 86 8.94 7.93 29.95
N GLN B 87 8.58 6.94 29.13
CA GLN B 87 9.52 6.38 28.15
C GLN B 87 9.95 7.48 27.18
N VAL B 88 8.97 8.16 26.60
CA VAL B 88 9.27 9.18 25.59
C VAL B 88 10.06 10.34 26.18
N ALA B 89 9.65 10.81 27.35
CA ALA B 89 10.38 11.89 28.01
C ALA B 89 11.82 11.49 28.32
N SER B 90 12.03 10.25 28.75
CA SER B 90 13.38 9.76 29.00
C SER B 90 14.26 9.75 27.74
N GLU B 91 13.68 9.31 26.62
CA GLU B 91 14.40 9.23 25.36
C GLU B 91 14.80 10.61 24.88
N LEU B 92 13.82 11.51 24.90
CA LEU B 92 14.02 12.87 24.43
C LEU B 92 15.03 13.60 25.31
N THR B 93 14.96 13.39 26.62
CA THR B 93 15.90 14.00 27.53
C THR B 93 17.34 13.60 27.21
N ALA B 94 17.53 12.31 26.89
CA ALA B 94 18.83 11.78 26.55
C ALA B 94 19.39 12.34 25.23
N VAL B 95 18.58 12.42 24.19
CA VAL B 95 19.11 12.84 22.89
C VAL B 95 19.03 14.36 22.71
N ALA B 96 18.36 15.04 23.64
CA ALA B 96 18.30 16.49 23.62
C ALA B 96 18.78 17.08 24.94
N PRO B 97 20.06 16.89 25.28
CA PRO B 97 20.56 17.37 26.58
C PRO B 97 20.49 18.89 26.68
N HIS B 98 20.36 19.57 25.55
CA HIS B 98 20.31 21.03 25.53
C HIS B 98 18.91 21.58 25.83
N LEU B 99 17.92 20.69 25.91
CA LEU B 99 16.52 21.09 26.12
C LEU B 99 15.97 20.67 27.47
N LYS B 100 15.09 21.49 28.05
CA LYS B 100 14.39 21.09 29.27
C LYS B 100 13.10 20.34 28.89
N VAL B 101 13.04 19.07 29.25
CA VAL B 101 11.91 18.23 28.93
C VAL B 101 11.06 17.99 30.18
N VAL B 102 9.77 18.30 30.09
CA VAL B 102 8.87 18.10 31.22
C VAL B 102 7.83 17.02 30.90
N ALA B 103 7.79 16.00 31.73
CA ALA B 103 6.83 14.91 31.58
C ALA B 103 5.60 15.18 32.44
N VAL B 104 4.44 15.27 31.79
CA VAL B 104 3.20 15.59 32.47
C VAL B 104 2.23 14.41 32.43
N TYR B 105 1.91 13.86 33.59
CA TYR B 105 0.94 12.77 33.61
C TYR B 105 0.00 12.86 34.81
N GLY B 106 -1.27 12.56 34.56
CA GLY B 106 -2.36 12.86 35.49
C GLY B 106 -2.28 12.40 36.93
N GLY B 107 -1.91 11.15 37.15
CA GLY B 107 -2.03 10.51 38.46
C GLY B 107 -1.33 11.15 39.64
N THR B 108 -0.01 11.36 39.52
CA THR B 108 0.80 11.80 40.65
C THR B 108 1.73 12.95 40.23
N GLY B 109 1.99 13.87 41.16
CA GLY B 109 2.98 14.90 40.95
C GLY B 109 2.42 16.15 40.30
N TYR B 110 1.15 16.42 40.57
CA TYR B 110 0.45 17.57 40.01
C TYR B 110 1.23 18.87 40.26
N GLY B 111 1.52 19.15 41.53
CA GLY B 111 2.16 20.39 41.91
C GLY B 111 3.64 20.49 41.55
N LYS B 112 4.21 19.40 41.07
CA LYS B 112 5.64 19.36 40.77
C LYS B 112 5.90 19.55 39.27
N GLN B 113 5.00 19.00 38.46
CA GLN B 113 5.06 19.16 37.02
C GLN B 113 4.67 20.59 36.69
N LYS B 114 3.67 21.09 37.43
CA LYS B 114 3.18 22.45 37.26
C LYS B 114 4.29 23.49 37.50
N GLU B 115 5.09 23.28 38.53
CA GLU B 115 6.17 24.21 38.84
C GLU B 115 7.27 24.16 37.78
N ALA B 116 7.52 22.96 37.26
CA ALA B 116 8.47 22.80 36.16
C ALA B 116 7.96 23.57 34.95
N LEU B 117 6.66 23.46 34.69
CA LEU B 117 6.04 24.22 33.59
C LEU B 117 6.15 25.72 33.82
N LEU B 118 5.89 26.16 35.06
CA LEU B 118 5.95 27.58 35.39
C LEU B 118 7.37 28.15 35.28
N ARG B 119 8.36 27.34 35.64
CA ARG B 119 9.76 27.77 35.58
C ARG B 119 10.26 27.90 34.15
N GLY B 120 9.64 27.18 33.23
CA GLY B 120 10.02 27.22 31.83
C GLY B 120 10.39 25.86 31.27
N ALA B 121 9.92 25.56 30.06
CA ALA B 121 10.17 24.28 29.44
C ALA B 121 10.35 24.42 27.94
N ASP B 122 11.07 23.48 27.35
CA ASP B 122 11.27 23.48 25.90
C ASP B 122 10.40 22.44 25.20
N ALA B 123 10.20 21.31 25.87
CA ALA B 123 9.40 20.25 25.30
C ALA B 123 8.54 19.65 26.40
N VAL B 124 7.25 19.46 26.10
CA VAL B 124 6.34 18.81 27.03
C VAL B 124 5.85 17.50 26.45
N VAL B 125 5.98 16.44 27.24
CA VAL B 125 5.44 15.12 26.90
C VAL B 125 4.31 14.86 27.88
N ALA B 126 3.08 14.71 27.37
CA ALA B 126 1.93 14.68 28.27
C ALA B 126 0.83 13.72 27.83
N THR B 127 0.04 13.25 28.80
CA THR B 127 -1.20 12.57 28.47
C THR B 127 -2.24 13.67 28.20
N PRO B 128 -3.20 13.41 27.31
CA PRO B 128 -4.05 14.50 26.80
C PRO B 128 -4.92 15.13 27.87
N GLY B 129 -5.38 14.32 28.81
CA GLY B 129 -6.26 14.80 29.87
C GLY B 129 -5.60 15.83 30.77
N ARG B 130 -4.40 15.53 31.23
CA ARG B 130 -3.71 16.44 32.15
C ARG B 130 -3.17 17.67 31.43
N ALA B 131 -2.77 17.51 30.18
CA ALA B 131 -2.32 18.67 29.39
C ALA B 131 -3.44 19.69 29.22
N LEU B 132 -4.65 19.23 28.91
CA LEU B 132 -5.78 20.14 28.72
C LEU B 132 -6.13 20.87 30.01
N ASP B 133 -6.08 20.16 31.13
CA ASP B 133 -6.29 20.76 32.44
C ASP B 133 -5.33 21.92 32.65
N TYR B 134 -4.05 21.67 32.42
CA TYR B 134 -3.03 22.69 32.56
C TYR B 134 -3.20 23.83 31.57
N LEU B 135 -3.69 23.49 30.38
CA LEU B 135 -3.96 24.51 29.36
C LEU B 135 -5.05 25.45 29.89
N ARG B 136 -6.13 24.86 30.37
CA ARG B 136 -7.25 25.63 30.91
C ARG B 136 -6.86 26.47 32.13
N GLN B 137 -5.89 26.01 32.91
CA GLN B 137 -5.43 26.77 34.09
C GLN B 137 -4.46 27.88 33.72
N GLY B 138 -4.05 27.90 32.45
CA GLY B 138 -3.09 28.89 31.98
C GLY B 138 -1.68 28.59 32.46
N VAL B 139 -1.44 27.35 32.87
CA VAL B 139 -0.10 26.90 33.25
C VAL B 139 0.63 26.43 32.02
N LEU B 140 -0.04 25.64 31.19
CA LEU B 140 0.54 25.19 29.94
C LEU B 140 0.11 26.13 28.83
N ASP B 141 1.09 26.69 28.12
CA ASP B 141 0.85 27.65 27.05
C ASP B 141 1.39 27.04 25.78
N LEU B 142 0.54 26.85 24.78
CA LEU B 142 0.98 26.15 23.57
C LEU B 142 1.15 27.07 22.35
N SER B 143 1.15 28.38 22.59
CA SER B 143 1.19 29.34 21.49
C SER B 143 2.54 29.44 20.78
N ARG B 144 3.58 28.78 21.31
CA ARG B 144 4.90 28.85 20.69
C ARG B 144 5.37 27.49 20.16
N VAL B 145 4.46 26.51 20.12
CA VAL B 145 4.82 25.18 19.65
C VAL B 145 5.19 25.19 18.18
N GLU B 146 6.35 24.62 17.88
CA GLU B 146 6.89 24.50 16.52
C GLU B 146 6.83 23.05 16.02
N VAL B 147 6.77 22.11 16.95
CA VAL B 147 6.62 20.69 16.60
C VAL B 147 5.58 20.05 17.52
N ALA B 148 4.55 19.47 16.94
CA ALA B 148 3.56 18.72 17.71
C ALA B 148 3.58 17.27 17.26
N VAL B 149 3.62 16.34 18.20
CA VAL B 149 3.67 14.93 17.90
C VAL B 149 2.50 14.19 18.53
N LEU B 150 1.80 13.39 17.74
CA LEU B 150 0.79 12.49 18.31
C LEU B 150 1.38 11.08 18.32
N ASP B 151 1.58 10.54 19.52
CA ASP B 151 2.23 9.26 19.63
C ASP B 151 1.18 8.21 20.00
N GLU B 152 1.05 7.20 19.15
CA GLU B 152 0.04 6.15 19.30
C GLU B 152 -1.36 6.75 19.26
N ALA B 153 -1.67 7.35 18.12
CA ALA B 153 -2.97 7.99 17.93
C ALA B 153 -4.13 7.00 18.06
N ASP B 154 -3.95 5.79 17.55
CA ASP B 154 -5.01 4.79 17.63
C ASP B 154 -5.37 4.39 19.07
N GLU B 155 -4.38 4.47 19.95
CA GLU B 155 -4.60 4.16 21.36
C GLU B 155 -5.28 5.33 22.06
N MET B 156 -4.91 6.56 21.66
CA MET B 156 -5.56 7.73 22.24
C MET B 156 -7.04 7.72 21.86
N LEU B 157 -7.33 7.26 20.64
CA LEU B 157 -8.71 7.07 20.22
C LEU B 157 -9.43 6.06 21.12
N SER B 158 -8.82 4.88 21.30
CA SER B 158 -9.44 3.81 22.07
C SER B 158 -9.75 4.22 23.51
N MET B 159 -8.96 5.15 24.03
CA MET B 159 -9.16 5.64 25.40
C MET B 159 -10.09 6.84 25.45
N GLY B 160 -10.65 7.20 24.30
CA GLY B 160 -11.62 8.29 24.22
C GLY B 160 -11.04 9.68 24.41
N PHE B 161 -9.79 9.88 23.98
CA PHE B 161 -9.12 11.17 24.14
C PHE B 161 -9.24 12.09 22.94
N GLU B 162 -10.16 11.78 22.01
CA GLU B 162 -10.24 12.52 20.75
C GLU B 162 -10.48 14.01 20.93
N GLU B 163 -11.39 14.35 21.85
CA GLU B 163 -11.74 15.74 22.09
C GLU B 163 -10.57 16.50 22.70
N GLU B 164 -9.92 15.88 23.69
CA GLU B 164 -8.74 16.47 24.31
C GLU B 164 -7.62 16.70 23.31
N VAL B 165 -7.35 15.71 22.46
CA VAL B 165 -6.30 15.84 21.45
C VAL B 165 -6.61 16.98 20.49
N GLU B 166 -7.85 17.05 20.02
CA GLU B 166 -8.24 18.09 19.07
C GLU B 166 -8.14 19.49 19.68
N ALA B 167 -8.58 19.65 20.92
CA ALA B 167 -8.46 20.93 21.62
C ALA B 167 -7.00 21.36 21.80
N LEU B 168 -6.15 20.41 22.16
CA LEU B 168 -4.73 20.70 22.32
C LEU B 168 -4.06 21.10 21.00
N LEU B 169 -4.29 20.32 19.95
CA LEU B 169 -3.73 20.67 18.64
C LEU B 169 -4.28 22.01 18.13
N SER B 170 -5.54 22.31 18.44
CA SER B 170 -6.13 23.57 18.02
C SER B 170 -5.49 24.78 18.69
N ALA B 171 -4.82 24.55 19.81
CA ALA B 171 -4.20 25.65 20.55
C ALA B 171 -2.76 25.90 20.11
N THR B 172 -2.23 25.04 19.24
CA THR B 172 -0.89 25.23 18.70
C THR B 172 -0.99 26.05 17.41
N PRO B 173 0.08 26.77 17.05
CA PRO B 173 0.02 27.55 15.80
C PRO B 173 0.07 26.64 14.58
N PRO B 174 -0.68 26.99 13.53
CA PRO B 174 -0.76 26.19 12.31
C PRO B 174 0.58 26.13 11.56
N SER B 175 1.47 27.06 11.86
CA SER B 175 2.81 27.06 11.29
C SER B 175 3.68 25.88 11.75
N ARG B 176 3.21 25.15 12.76
CA ARG B 176 4.01 24.08 13.35
C ARG B 176 4.26 22.92 12.39
N GLN B 177 5.25 22.10 12.73
CA GLN B 177 5.43 20.80 12.10
C GLN B 177 4.61 19.80 12.90
N THR B 178 3.93 18.88 12.21
CA THR B 178 3.14 17.88 12.90
C THR B 178 3.56 16.47 12.48
N LEU B 179 3.76 15.60 13.47
CA LEU B 179 4.17 14.23 13.23
C LEU B 179 3.14 13.34 13.93
N LEU B 180 2.62 12.34 13.22
CA LEU B 180 1.57 11.48 13.78
C LEU B 180 2.03 10.04 13.69
N PHE B 181 2.14 9.38 14.84
CA PHE B 181 2.57 7.99 14.85
C PHE B 181 1.43 7.11 15.35
N SER B 182 1.18 6.04 14.60
CA SER B 182 0.09 5.12 14.94
C SER B 182 0.23 3.83 14.15
N ALA B 183 0.22 2.70 14.86
CA ALA B 183 0.34 1.39 14.22
C ALA B 183 -0.79 1.19 13.22
N THR B 184 -1.98 1.62 13.59
CA THR B 184 -3.16 1.49 12.72
C THR B 184 -3.69 2.89 12.40
N LEU B 185 -4.50 2.98 11.35
CA LEU B 185 -5.08 4.27 10.97
C LEU B 185 -6.61 4.24 10.85
N PRO B 186 -7.29 4.38 12.00
CA PRO B 186 -8.75 4.45 12.01
C PRO B 186 -9.18 5.76 11.34
N SER B 187 -10.45 5.87 10.99
CA SER B 187 -10.93 7.05 10.26
C SER B 187 -10.61 8.37 10.98
N TRP B 188 -10.71 8.37 12.30
CA TRP B 188 -10.38 9.56 13.09
C TRP B 188 -8.97 10.04 12.84
N ALA B 189 -8.03 9.11 12.71
CA ALA B 189 -6.64 9.46 12.46
C ALA B 189 -6.47 10.04 11.06
N LYS B 190 -7.20 9.49 10.10
CA LYS B 190 -7.19 9.99 8.74
C LYS B 190 -7.75 11.40 8.72
N ARG B 191 -8.75 11.66 9.56
CA ARG B 191 -9.33 12.99 9.67
C ARG B 191 -8.38 14.00 10.33
N LEU B 192 -7.62 13.56 11.32
CA LEU B 192 -6.60 14.41 11.94
C LEU B 192 -5.56 14.85 10.92
N ALA B 193 -5.11 13.90 10.11
CA ALA B 193 -4.13 14.17 9.07
C ALA B 193 -4.63 15.23 8.10
N GLU B 194 -5.90 15.12 7.72
CA GLU B 194 -6.47 16.08 6.79
C GLU B 194 -6.60 17.46 7.43
N ARG B 195 -7.06 17.49 8.67
CA ARG B 195 -7.35 18.76 9.35
C ARG B 195 -6.14 19.43 9.97
N TYR B 196 -5.19 18.64 10.45
CA TYR B 196 -4.13 19.18 11.28
C TYR B 196 -2.73 19.00 10.72
N MET B 197 -2.62 18.40 9.54
CA MET B 197 -1.31 18.16 8.95
C MET B 197 -1.23 18.73 7.54
N LYS B 198 0.00 18.98 7.09
CA LYS B 198 0.22 19.60 5.79
C LYS B 198 0.95 18.65 4.86
N ASN B 199 0.23 18.10 3.88
CA ASN B 199 0.79 17.20 2.87
C ASN B 199 1.73 16.12 3.44
N PRO B 200 1.29 15.40 4.49
CA PRO B 200 2.25 14.48 5.10
C PRO B 200 2.65 13.32 4.20
N VAL B 201 3.91 12.93 4.29
CA VAL B 201 4.37 11.70 3.68
C VAL B 201 4.09 10.58 4.69
N LEU B 202 3.65 9.43 4.21
CA LEU B 202 3.41 8.28 5.11
C LEU B 202 4.50 7.21 4.97
N ILE B 203 5.00 6.75 6.10
CA ILE B 203 6.03 5.71 6.14
C ILE B 203 5.50 4.57 6.99
N ASN B 204 5.46 3.36 6.44
CA ASN B 204 4.91 2.21 7.13
C ASN B 204 5.94 1.09 7.19
N VAL B 205 6.34 0.71 8.41
CA VAL B 205 7.26 -0.41 8.59
C VAL B 205 6.58 -1.61 9.26
N ILE B 206 5.25 -1.59 9.33
CA ILE B 206 4.52 -2.72 9.94
C ILE B 206 4.71 -3.97 9.10
N LYS B 207 5.18 -5.04 9.70
CA LYS B 207 5.42 -6.28 8.96
C LYS B 207 4.12 -7.00 8.64
N ASP B 208 3.92 -7.32 7.37
CA ASP B 208 2.74 -8.03 6.93
C ASP B 208 2.76 -9.49 7.38
N GLU B 209 1.58 -10.02 7.71
CA GLU B 209 1.44 -11.43 8.03
C GLU B 209 0.57 -12.10 6.98
N PRO B 210 1.15 -13.02 6.20
CA PRO B 210 0.48 -13.63 5.05
C PRO B 210 -0.15 -14.99 5.36
N VAL B 211 -1.17 -15.34 4.57
CA VAL B 211 -1.73 -16.68 4.60
C VAL B 211 -0.77 -17.67 3.95
N THR B 212 -0.40 -18.72 4.68
CA THR B 212 0.54 -19.71 4.19
C THR B 212 -0.15 -21.08 4.17
N TYR B 213 -1.47 -21.05 4.09
CA TYR B 213 -2.27 -22.28 4.09
C TYR B 213 -1.95 -23.16 2.88
N GLU B 214 -1.94 -24.47 3.10
CA GLU B 214 -1.55 -25.41 2.06
C GLU B 214 -2.76 -26.01 1.36
N GLU B 215 -2.72 -26.02 0.03
CA GLU B 215 -3.79 -26.62 -0.76
C GLU B 215 -3.28 -27.87 -1.47
N GLU B 216 -4.09 -28.92 -1.47
CA GLU B 216 -3.74 -30.16 -2.16
C GLU B 216 -4.87 -30.66 -3.04
N ALA B 217 -4.50 -31.16 -4.22
CA ALA B 217 -5.46 -31.82 -5.11
C ALA B 217 -5.18 -33.32 -5.14
N VAL B 218 -6.15 -34.09 -4.66
CA VAL B 218 -5.99 -35.54 -4.56
C VAL B 218 -6.84 -36.30 -5.57
N PRO B 219 -6.19 -36.98 -6.53
CA PRO B 219 -6.88 -37.77 -7.55
C PRO B 219 -7.52 -39.03 -6.96
N ALA B 220 -8.68 -38.87 -6.34
CA ALA B 220 -9.36 -39.98 -5.68
C ALA B 220 -10.47 -40.58 -6.54
N PRO B 221 -10.45 -41.92 -6.71
CA PRO B 221 -11.45 -42.66 -7.48
C PRO B 221 -12.76 -42.82 -6.72
N VAL B 222 -13.78 -43.39 -7.37
CA VAL B 222 -15.10 -43.56 -6.77
C VAL B 222 -15.28 -44.92 -6.10
N ARG B 223 -14.76 -45.97 -6.75
CA ARG B 223 -14.81 -47.31 -6.18
C ARG B 223 -13.98 -47.39 -4.90
N GLY B 224 -14.54 -46.89 -3.81
CA GLY B 224 -13.82 -46.76 -2.55
C GLY B 224 -13.53 -45.30 -2.27
N ARG B 225 -14.58 -44.48 -2.36
CA ARG B 225 -14.45 -43.03 -2.19
C ARG B 225 -14.33 -42.67 -0.71
N LEU B 226 -15.18 -43.28 0.12
CA LEU B 226 -15.17 -43.05 1.55
C LEU B 226 -13.88 -43.57 2.17
N GLU B 227 -13.30 -44.59 1.52
CA GLU B 227 -12.02 -45.14 1.94
C GLU B 227 -10.91 -44.10 1.85
N VAL B 228 -10.94 -43.30 0.78
CA VAL B 228 -9.92 -42.28 0.57
C VAL B 228 -9.95 -41.20 1.66
N LEU B 229 -11.12 -40.67 1.94
CA LEU B 229 -11.29 -39.66 2.98
C LEU B 229 -10.86 -40.21 4.34
N SER B 230 -11.30 -41.43 4.65
CA SER B 230 -10.96 -42.07 5.91
C SER B 230 -9.46 -42.25 6.06
N ASP B 231 -8.81 -42.75 5.02
CA ASP B 231 -7.38 -43.02 5.07
C ASP B 231 -6.55 -41.74 4.96
N LEU B 232 -7.13 -40.71 4.34
CA LEU B 232 -6.51 -39.40 4.29
C LEU B 232 -6.44 -38.81 5.70
N LEU B 233 -7.55 -38.92 6.42
CA LEU B 233 -7.65 -38.41 7.79
C LEU B 233 -6.68 -39.10 8.74
N TYR B 234 -6.47 -40.40 8.54
CA TYR B 234 -5.57 -41.17 9.40
C TYR B 234 -4.11 -40.76 9.27
N VAL B 235 -3.73 -40.32 8.07
CA VAL B 235 -2.38 -39.85 7.82
C VAL B 235 -2.16 -38.45 8.39
N ALA B 236 -3.13 -37.57 8.16
CA ALA B 236 -3.03 -36.17 8.59
C ALA B 236 -3.19 -36.00 10.10
N SER B 237 -4.26 -36.58 10.65
CA SER B 237 -4.58 -36.51 12.07
C SER B 237 -4.76 -35.09 12.61
N PRO B 238 -5.84 -34.42 12.18
CA PRO B 238 -6.14 -33.09 12.73
C PRO B 238 -7.14 -33.19 13.89
N ASP B 239 -7.22 -32.15 14.71
CA ASP B 239 -8.22 -32.11 15.77
C ASP B 239 -9.61 -31.95 15.20
N ARG B 240 -9.79 -30.93 14.38
CA ARG B 240 -11.06 -30.69 13.70
C ARG B 240 -10.90 -30.76 12.20
N ALA B 241 -11.94 -31.21 11.52
CA ALA B 241 -11.91 -31.34 10.07
C ALA B 241 -13.31 -31.19 9.48
N MET B 242 -13.43 -30.41 8.41
CA MET B 242 -14.71 -30.22 7.76
C MET B 242 -14.71 -30.80 6.35
N VAL B 243 -15.72 -31.61 6.05
CA VAL B 243 -15.85 -32.23 4.74
C VAL B 243 -17.03 -31.65 3.98
N PHE B 244 -16.79 -31.25 2.73
CA PHE B 244 -17.84 -30.71 1.88
C PHE B 244 -18.18 -31.67 0.74
N THR B 245 -19.45 -32.04 0.64
CA THR B 245 -19.88 -32.97 -0.40
C THR B 245 -21.07 -32.43 -1.19
N ARG B 246 -21.52 -33.22 -2.17
CA ARG B 246 -22.54 -32.78 -3.11
C ARG B 246 -23.97 -33.05 -2.64
N THR B 247 -24.32 -34.32 -2.50
CA THR B 247 -25.70 -34.72 -2.24
C THR B 247 -25.97 -34.97 -0.76
N LYS B 248 -27.26 -35.13 -0.42
CA LYS B 248 -27.67 -35.45 0.95
C LYS B 248 -27.30 -36.90 1.29
N ALA B 249 -27.37 -37.76 0.29
CA ALA B 249 -26.98 -39.17 0.47
C ALA B 249 -25.48 -39.26 0.75
N GLU B 250 -24.78 -38.17 0.46
CA GLU B 250 -23.33 -38.12 0.64
C GLU B 250 -22.89 -37.44 1.94
N THR B 251 -23.83 -37.04 2.78
CA THR B 251 -23.45 -36.41 4.05
C THR B 251 -23.84 -37.22 5.28
N GLU B 252 -24.80 -38.12 5.11
CA GLU B 252 -25.17 -39.03 6.19
C GLU B 252 -24.33 -40.30 6.15
N GLU B 253 -24.21 -40.89 4.96
CA GLU B 253 -23.48 -42.14 4.80
C GLU B 253 -21.98 -41.96 5.02
N ILE B 254 -21.51 -40.72 4.91
CA ILE B 254 -20.10 -40.42 5.09
C ILE B 254 -19.72 -40.26 6.57
N ALA B 255 -20.48 -39.44 7.28
CA ALA B 255 -20.21 -39.18 8.69
C ALA B 255 -20.38 -40.45 9.53
N GLN B 256 -21.42 -41.21 9.22
CA GLN B 256 -21.64 -42.49 9.88
C GLN B 256 -20.64 -43.51 9.36
N GLY B 257 -20.18 -43.30 8.12
CA GLY B 257 -19.18 -44.17 7.52
C GLY B 257 -17.84 -44.07 8.22
N LEU B 258 -17.43 -42.84 8.52
CA LEU B 258 -16.20 -42.59 9.26
C LEU B 258 -16.33 -43.17 10.66
N LEU B 259 -17.54 -43.11 11.20
CA LEU B 259 -17.87 -43.72 12.48
C LEU B 259 -17.54 -45.21 12.44
N ARG B 260 -17.94 -45.86 11.35
CA ARG B 260 -17.70 -47.29 11.17
C ARG B 260 -16.22 -47.58 10.89
N LEU B 261 -15.55 -46.63 10.23
CA LEU B 261 -14.14 -46.79 9.88
C LEU B 261 -13.22 -46.29 10.98
N GLY B 262 -13.80 -45.71 12.04
CA GLY B 262 -13.03 -45.37 13.23
C GLY B 262 -12.94 -43.91 13.62
N HIS B 263 -13.61 -43.03 12.88
CA HIS B 263 -13.55 -41.59 13.17
C HIS B 263 -14.83 -41.10 13.83
N PRO B 264 -14.72 -40.07 14.70
CA PRO B 264 -15.90 -39.42 15.28
C PRO B 264 -16.48 -38.38 14.32
N ALA B 265 -17.65 -38.63 13.75
CA ALA B 265 -18.21 -37.72 12.74
C ALA B 265 -19.72 -37.49 12.86
N GLN B 266 -20.17 -36.30 12.45
CA GLN B 266 -21.59 -35.94 12.46
C GLN B 266 -22.09 -35.48 11.09
N ALA B 267 -23.23 -36.01 10.69
CA ALA B 267 -23.83 -35.69 9.39
C ALA B 267 -24.45 -34.30 9.40
N LEU B 268 -24.64 -33.72 8.23
CA LEU B 268 -25.24 -32.39 8.14
C LEU B 268 -25.91 -32.15 6.78
N HIS B 269 -27.22 -32.40 6.73
CA HIS B 269 -28.00 -32.11 5.53
C HIS B 269 -29.23 -31.26 5.84
N GLY B 270 -29.96 -30.88 4.80
CA GLY B 270 -31.12 -30.02 4.94
C GLY B 270 -32.36 -30.74 5.42
N ASP B 271 -32.42 -32.05 5.17
CA ASP B 271 -33.56 -32.85 5.58
C ASP B 271 -33.72 -32.92 7.09
N LEU B 272 -32.59 -32.92 7.80
CA LEU B 272 -32.62 -32.91 9.26
C LEU B 272 -33.24 -31.62 9.77
N SER B 273 -34.13 -31.75 10.74
CA SER B 273 -34.83 -30.59 11.31
C SER B 273 -33.88 -29.68 12.08
N GLN B 274 -34.44 -28.67 12.73
CA GLN B 274 -33.63 -27.71 13.49
C GLN B 274 -33.13 -28.32 14.79
N GLY B 275 -33.92 -29.23 15.35
CA GLY B 275 -33.50 -29.95 16.54
C GLY B 275 -32.40 -30.93 16.20
N GLU B 276 -32.40 -31.39 14.95
CA GLU B 276 -31.36 -32.28 14.45
C GLU B 276 -30.24 -31.47 13.80
N ARG B 277 -30.31 -30.15 13.95
CA ARG B 277 -29.30 -29.25 13.42
C ARG B 277 -28.65 -28.46 14.57
N GLU B 278 -29.18 -28.66 15.77
CA GLU B 278 -28.65 -27.99 16.96
C GLU B 278 -28.13 -28.99 17.99
N ARG B 279 -28.11 -30.27 17.60
CA ARG B 279 -27.49 -31.31 18.40
C ARG B 279 -26.32 -31.91 17.63
N VAL B 280 -26.30 -31.64 16.32
CA VAL B 280 -25.17 -32.04 15.49
C VAL B 280 -24.08 -30.98 15.55
N LEU B 281 -24.47 -29.74 15.28
CA LEU B 281 -23.55 -28.61 15.37
C LEU B 281 -23.54 -28.06 16.78
N GLY B 282 -24.52 -28.51 17.58
CA GLY B 282 -24.59 -28.12 18.98
C GLY B 282 -23.89 -29.13 19.87
N ALA B 283 -22.95 -29.86 19.29
CA ALA B 283 -22.17 -30.84 20.03
C ALA B 283 -20.76 -31.00 19.44
N PHE B 284 -20.51 -30.35 18.31
CA PHE B 284 -19.19 -30.40 17.68
C PHE B 284 -18.21 -29.53 18.45
N ARG B 285 -18.71 -28.45 19.03
CA ARG B 285 -17.88 -27.55 19.83
C ARG B 285 -17.35 -28.24 21.08
N GLN B 286 -18.05 -29.27 21.52
CA GLN B 286 -17.67 -30.04 22.70
C GLN B 286 -16.28 -30.65 22.57
N GLY B 287 -16.00 -31.19 21.39
CA GLY B 287 -14.71 -31.82 21.14
C GLY B 287 -14.85 -33.31 20.90
N GLU B 288 -16.04 -33.83 21.13
CA GLU B 288 -16.33 -35.25 20.88
C GLU B 288 -16.13 -35.56 19.40
N VAL B 289 -16.97 -34.96 18.56
CA VAL B 289 -16.87 -35.12 17.12
C VAL B 289 -15.68 -34.33 16.59
N ARG B 290 -14.79 -35.01 15.88
CA ARG B 290 -13.55 -34.39 15.42
C ARG B 290 -13.54 -34.24 13.90
N VAL B 291 -14.63 -34.68 13.26
CA VAL B 291 -14.80 -34.52 11.82
C VAL B 291 -16.24 -34.12 11.52
N LEU B 292 -16.44 -32.96 10.91
CA LEU B 292 -17.76 -32.53 10.49
C LEU B 292 -17.97 -32.73 9.00
N VAL B 293 -19.05 -33.42 8.63
CA VAL B 293 -19.39 -33.62 7.23
C VAL B 293 -20.60 -32.78 6.86
N ALA B 294 -20.42 -31.86 5.90
CA ALA B 294 -21.47 -30.89 5.59
C ALA B 294 -21.59 -30.58 4.09
N THR B 295 -22.81 -30.62 3.59
CA THR B 295 -23.10 -30.29 2.19
C THR B 295 -23.04 -28.78 1.96
N ASP B 296 -23.18 -28.36 0.70
CA ASP B 296 -23.13 -26.94 0.37
C ASP B 296 -24.46 -26.23 0.59
N VAL B 297 -25.40 -26.92 1.25
CA VAL B 297 -26.70 -26.34 1.57
C VAL B 297 -26.88 -26.27 3.08
N ALA B 298 -26.29 -27.22 3.79
CA ALA B 298 -26.44 -27.31 5.25
C ALA B 298 -25.22 -26.79 6.01
N ALA B 299 -24.15 -26.46 5.29
CA ALA B 299 -22.97 -25.87 5.92
C ALA B 299 -23.10 -24.36 5.92
N ARG B 300 -23.94 -23.85 5.01
CA ARG B 300 -24.18 -22.41 4.91
C ARG B 300 -24.75 -21.87 6.22
N GLY B 301 -24.40 -20.63 6.54
CA GLY B 301 -24.91 -19.99 7.74
C GLY B 301 -23.82 -19.50 8.68
N LEU B 302 -24.25 -18.90 9.78
CA LEU B 302 -23.34 -18.34 10.77
C LEU B 302 -22.92 -19.38 11.81
N ASP B 303 -23.74 -20.41 11.97
CA ASP B 303 -23.50 -21.45 12.97
C ASP B 303 -22.41 -22.42 12.53
N ILE B 304 -21.28 -21.90 12.06
CA ILE B 304 -20.13 -22.71 11.69
C ILE B 304 -18.81 -22.04 12.08
N PRO B 305 -18.23 -22.44 13.22
CA PRO B 305 -16.88 -22.01 13.61
C PRO B 305 -15.80 -22.63 12.71
N GLN B 306 -14.54 -22.30 12.98
CA GLN B 306 -13.44 -22.68 12.08
C GLN B 306 -12.72 -23.98 12.50
N VAL B 307 -12.09 -24.64 11.54
CA VAL B 307 -11.44 -25.93 11.79
C VAL B 307 -9.97 -25.97 11.32
N ASP B 308 -9.38 -27.17 11.33
CA ASP B 308 -7.99 -27.36 10.90
C ASP B 308 -7.90 -27.73 9.41
N LEU B 309 -8.24 -28.96 9.10
CA LEU B 309 -8.17 -29.48 7.73
C LEU B 309 -9.53 -29.34 7.04
N VAL B 310 -9.50 -29.00 5.75
CA VAL B 310 -10.73 -28.88 4.97
C VAL B 310 -10.68 -29.78 3.75
N VAL B 311 -11.65 -30.70 3.66
CA VAL B 311 -11.70 -31.65 2.56
C VAL B 311 -12.88 -31.37 1.63
N HIS B 312 -12.64 -31.48 0.33
CA HIS B 312 -13.70 -31.33 -0.65
C HIS B 312 -14.00 -32.67 -1.30
N TYR B 313 -15.02 -33.35 -0.77
CA TYR B 313 -15.33 -34.73 -1.15
C TYR B 313 -15.66 -34.90 -2.62
N ARG B 314 -16.39 -33.93 -3.16
CA ARG B 314 -16.58 -33.84 -4.60
C ARG B 314 -16.29 -32.40 -5.00
N LEU B 315 -15.86 -32.19 -6.24
CA LEU B 315 -15.45 -30.86 -6.68
C LEU B 315 -16.61 -29.86 -6.72
N PRO B 316 -16.36 -28.63 -6.22
CA PRO B 316 -17.32 -27.53 -6.26
C PRO B 316 -17.67 -27.16 -7.71
N ASP B 317 -18.76 -26.44 -7.90
CA ASP B 317 -19.21 -26.08 -9.23
C ASP B 317 -18.74 -24.69 -9.67
N ARG B 318 -17.97 -24.04 -8.80
CA ARG B 318 -17.52 -22.67 -9.06
C ARG B 318 -16.42 -22.24 -8.10
N ALA B 319 -15.84 -21.07 -8.35
CA ALA B 319 -14.83 -20.50 -7.47
C ALA B 319 -15.48 -19.93 -6.23
N GLU B 320 -16.80 -19.75 -6.30
CA GLU B 320 -17.58 -19.21 -5.20
C GLU B 320 -17.87 -20.30 -4.18
N ALA B 321 -18.15 -21.51 -4.68
CA ALA B 321 -18.43 -22.64 -3.80
C ALA B 321 -17.16 -23.24 -3.22
N TYR B 322 -16.02 -22.67 -3.58
CA TYR B 322 -14.73 -23.09 -3.02
C TYR B 322 -14.18 -21.99 -2.13
N GLN B 323 -14.57 -20.74 -2.41
CA GLN B 323 -14.11 -19.59 -1.65
C GLN B 323 -14.56 -19.67 -0.19
N HIS B 324 -15.75 -20.20 0.02
CA HIS B 324 -16.35 -20.26 1.35
C HIS B 324 -15.93 -21.49 2.15
N ARG B 325 -15.63 -22.58 1.44
CA ARG B 325 -15.17 -23.80 2.10
C ARG B 325 -13.75 -23.63 2.66
N SER B 326 -12.85 -23.18 1.79
CA SER B 326 -11.48 -22.88 2.21
C SER B 326 -11.46 -21.63 3.07
N GLY B 327 -12.47 -20.76 2.88
CA GLY B 327 -12.63 -19.58 3.70
C GLY B 327 -13.15 -19.93 5.08
N ARG B 328 -13.40 -21.22 5.30
CA ARG B 328 -13.83 -21.73 6.59
C ARG B 328 -12.70 -22.50 7.28
N THR B 329 -11.49 -22.39 6.75
CA THR B 329 -10.33 -23.06 7.34
C THR B 329 -9.58 -22.13 8.29
N GLY B 330 -8.62 -22.69 9.01
CA GLY B 330 -7.79 -21.91 9.91
C GLY B 330 -8.46 -21.53 11.21
N ARG B 331 -8.10 -22.23 12.28
CA ARG B 331 -8.61 -21.90 13.61
C ARG B 331 -7.50 -22.06 14.65
N ALA B 332 -7.73 -21.48 15.83
CA ALA B 332 -6.75 -21.50 16.91
C ALA B 332 -5.40 -20.91 16.50
N GLY B 333 -5.44 -19.89 15.64
CA GLY B 333 -4.24 -19.17 15.24
C GLY B 333 -3.42 -19.85 14.16
N ARG B 334 -4.04 -20.81 13.47
CA ARG B 334 -3.33 -21.55 12.42
C ARG B 334 -3.59 -20.95 11.05
N GLY B 335 -3.11 -21.65 10.02
CA GLY B 335 -3.38 -21.27 8.64
C GLY B 335 -4.37 -22.25 8.03
N GLY B 336 -4.19 -23.52 8.32
CA GLY B 336 -5.10 -24.56 7.85
C GLY B 336 -4.63 -25.26 6.60
N ARG B 337 -5.00 -26.53 6.45
CA ARG B 337 -4.65 -27.32 5.28
C ARG B 337 -5.89 -27.70 4.49
N VAL B 338 -5.78 -27.74 3.17
CA VAL B 338 -6.93 -28.01 2.32
C VAL B 338 -6.70 -29.20 1.37
N VAL B 339 -7.73 -30.01 1.18
CA VAL B 339 -7.66 -31.15 0.28
C VAL B 339 -8.85 -31.17 -0.68
N LEU B 340 -8.58 -31.45 -1.96
CA LEU B 340 -9.64 -31.52 -2.97
C LEU B 340 -9.65 -32.88 -3.66
N LEU B 341 -10.78 -33.57 -3.58
CA LEU B 341 -10.92 -34.90 -4.16
C LEU B 341 -11.58 -34.83 -5.54
N TYR B 342 -11.02 -35.55 -6.50
CA TYR B 342 -11.58 -35.59 -7.85
C TYR B 342 -11.32 -36.92 -8.55
N GLY B 343 -12.30 -37.38 -9.32
CA GLY B 343 -12.17 -38.61 -10.08
C GLY B 343 -11.23 -38.41 -11.27
N PRO B 344 -10.78 -39.53 -11.88
CA PRO B 344 -9.84 -39.49 -13.00
C PRO B 344 -10.41 -38.81 -14.23
N ARG B 345 -11.69 -38.46 -14.18
CA ARG B 345 -12.36 -37.80 -15.30
C ARG B 345 -12.58 -36.33 -15.01
N GLU B 346 -11.80 -35.79 -14.08
CA GLU B 346 -11.96 -34.40 -13.65
C GLU B 346 -10.65 -33.61 -13.68
N ARG B 347 -9.74 -33.99 -14.57
CA ARG B 347 -8.49 -33.25 -14.76
C ARG B 347 -8.77 -31.81 -15.16
N ARG B 348 -9.71 -31.65 -16.09
CA ARG B 348 -10.07 -30.32 -16.60
C ARG B 348 -11.14 -29.65 -15.75
N ASP B 349 -11.38 -30.20 -14.56
CA ASP B 349 -12.30 -29.57 -13.60
C ASP B 349 -11.50 -28.79 -12.55
N VAL B 350 -10.45 -29.42 -12.03
CA VAL B 350 -9.57 -28.76 -11.07
C VAL B 350 -8.87 -27.59 -11.75
N GLU B 351 -8.43 -27.79 -12.98
CA GLU B 351 -7.80 -26.75 -13.78
C GLU B 351 -8.71 -25.52 -13.88
N ALA B 352 -9.99 -25.78 -14.12
CA ALA B 352 -10.98 -24.71 -14.22
C ALA B 352 -11.12 -23.96 -12.91
N LEU B 353 -10.94 -24.69 -11.80
CA LEU B 353 -11.06 -24.10 -10.47
C LEU B 353 -9.81 -23.32 -10.08
N GLU B 354 -8.66 -23.77 -10.54
CA GLU B 354 -7.39 -23.11 -10.22
C GLU B 354 -7.32 -21.69 -10.81
N ARG B 355 -7.74 -21.55 -12.06
CA ARG B 355 -7.80 -20.23 -12.68
C ARG B 355 -8.90 -19.40 -12.04
N ALA B 356 -9.98 -20.06 -11.67
CA ALA B 356 -11.16 -19.39 -11.12
C ALA B 356 -10.90 -18.77 -9.75
N VAL B 357 -9.96 -19.34 -9.00
CA VAL B 357 -9.61 -18.81 -7.69
C VAL B 357 -8.38 -17.90 -7.77
N GLY B 358 -7.40 -18.32 -8.56
CA GLY B 358 -6.17 -17.56 -8.72
C GLY B 358 -5.03 -18.15 -7.92
N ARG B 359 -4.88 -19.47 -8.01
CA ARG B 359 -3.89 -20.19 -7.23
C ARG B 359 -3.73 -21.60 -7.79
N ARG B 360 -2.61 -22.24 -7.46
CA ARG B 360 -2.35 -23.60 -7.93
C ARG B 360 -2.38 -24.62 -6.81
N PHE B 361 -3.01 -25.76 -7.08
CA PHE B 361 -3.17 -26.81 -6.08
C PHE B 361 -2.07 -27.85 -6.21
N LYS B 362 -1.44 -28.21 -5.10
CA LYS B 362 -0.39 -29.21 -5.10
C LYS B 362 -0.95 -30.59 -5.43
N ARG B 363 -0.69 -31.06 -6.65
CA ARG B 363 -1.15 -32.39 -7.06
C ARG B 363 -0.40 -33.45 -6.28
N VAL B 364 -1.12 -34.43 -5.75
CA VAL B 364 -0.47 -35.57 -5.10
C VAL B 364 0.16 -36.44 -6.18
N ASN B 365 1.32 -36.02 -6.65
CA ASN B 365 2.03 -36.71 -7.73
C ASN B 365 2.60 -38.05 -7.28
P AMP C . 9.26 11.09 -12.49
O1P AMP C . 8.62 10.88 -13.84
O2P AMP C . 10.41 10.14 -12.21
O3P AMP C . 8.28 11.27 -11.36
O5' AMP C . 10.03 12.49 -12.64
C5' AMP C . 9.30 13.70 -12.81
C4' AMP C . 10.17 14.85 -13.26
O4' AMP C . 10.86 15.44 -12.12
C3' AMP C . 11.27 14.50 -14.28
O3' AMP C . 11.29 15.50 -15.31
C2' AMP C . 12.56 14.58 -13.48
O2' AMP C . 13.70 14.93 -14.22
C1' AMP C . 12.22 15.64 -12.43
N9 AMP C . 13.00 15.53 -11.20
C8 AMP C . 13.38 14.35 -10.65
N7 AMP C . 14.09 14.56 -9.51
C5 AMP C . 14.18 15.89 -9.33
C6 AMP C . 14.80 16.77 -8.32
N6 AMP C . 15.48 16.23 -7.28
N1 AMP C . 14.68 18.11 -8.48
C2 AMP C . 14.00 18.64 -9.52
N3 AMP C . 13.41 17.89 -10.48
C4 AMP C . 13.47 16.53 -10.45
NA NA D . 28.00 13.58 0.02
NA NA E . 1.59 14.70 -10.06
S SO4 F . 10.45 2.10 20.59
O1 SO4 F . 10.96 1.34 19.47
O2 SO4 F . 10.40 3.52 20.26
O3 SO4 F . 11.35 1.95 21.74
O4 SO4 F . 9.09 1.63 20.92
#